data_3RWC
#
_entry.id   3RWC
#
_cell.length_a   45.233
_cell.length_b   68.558
_cell.length_c   81.754
_cell.angle_alpha   83.79
_cell.angle_beta   89.13
_cell.angle_gamma   89.98
#
_symmetry.space_group_name_H-M   'P 1'
#
loop_
_entity.id
_entity.type
_entity.pdbx_description
1 polymer 'Major histocompatibility complex class I'
2 polymer Beta-2-microglobulin
3 polymer 'Nef IW9 peptide from Protein Nef'
4 water water
#
loop_
_entity_poly.entity_id
_entity_poly.type
_entity_poly.pdbx_seq_one_letter_code
_entity_poly.pdbx_strand_id
1 'polypeptide(L)'
;GSHSMKYFYTSVSRPGRGEPRFISVGYVDDTQFVRFDSDAESPREEPRAPWVEQEGPEYWEEATRRAKEAAQTHRENLRT
ALRYYNQSEAGSHTIQKMYGCDLGPDGRLLRGYHQSAYDGKDYIALNGDLRSWTAADMAAQNTQRKWEGNRYAERFRAYL
EGECLEWLRRYLENGKETLQRADPPKTHVTHHPVSDHEATLRCWALGFYPAEITLTWQRDGEEQTQDTEFVETRPGGDGT
FQKWGAVVVPSGEEQRYTCHVQHEGLPEPLTLRWEP
;
A,D
2 'polypeptide(L)'
;IQRTPKIQVYSRHPPENGKPNFLNCYVSGFHPSDIEVDLLKNGEKMGKVEHSDLSFSKDWSFYLLYYTEFTPNEKDEYAC
RVNHVTLSGPRTVKWDRDM
;
B,E
3 'polypeptide(L)' IRYPKTFGW C,F
#
# COMPACT_ATOMS: atom_id res chain seq x y z
N GLY A 1 4.02 18.10 -7.08
CA GLY A 1 3.52 16.73 -7.18
C GLY A 1 2.26 16.52 -6.36
N SER A 2 1.19 17.21 -6.74
CA SER A 2 -0.10 17.10 -6.07
C SER A 2 -0.10 17.70 -4.67
N HIS A 3 -0.75 18.86 -4.53
CA HIS A 3 -0.88 19.49 -3.23
C HIS A 3 -2.35 19.72 -2.89
N SER A 4 -2.62 20.20 -1.68
CA SER A 4 -4.00 20.30 -1.21
C SER A 4 -4.21 21.47 -0.26
N MET A 5 -5.37 22.10 -0.36
CA MET A 5 -5.78 23.11 0.61
C MET A 5 -7.16 22.79 1.17
N LYS A 6 -7.26 22.76 2.49
CA LYS A 6 -8.52 22.42 3.15
C LYS A 6 -8.84 23.35 4.30
N TYR A 7 -10.13 23.65 4.47
CA TYR A 7 -10.61 24.39 5.61
C TYR A 7 -11.52 23.52 6.47
N PHE A 8 -11.31 23.60 7.78
CA PHE A 8 -12.09 22.83 8.75
C PHE A 8 -12.90 23.77 9.65
N TYR A 9 -14.18 23.46 9.78
CA TYR A 9 -15.12 24.29 10.53
C TYR A 9 -15.80 23.48 11.63
N THR A 10 -15.84 24.03 12.83
CA THR A 10 -16.51 23.38 13.94
C THR A 10 -17.34 24.38 14.74
N SER A 11 -18.65 24.16 14.78
CA SER A 11 -19.54 24.99 15.58
C SER A 11 -20.24 24.16 16.64
N VAL A 12 -20.09 24.57 17.89
CA VAL A 12 -20.69 23.83 19.01
C VAL A 12 -21.63 24.72 19.81
N SER A 13 -22.89 24.32 19.89
CA SER A 13 -23.87 25.07 20.67
C SER A 13 -23.68 24.78 22.15
N ARG A 14 -23.84 25.81 22.97
CA ARG A 14 -23.67 25.66 24.41
C ARG A 14 -24.78 26.43 25.15
N PRO A 15 -25.95 25.78 25.29
CA PRO A 15 -27.13 26.39 25.91
C PRO A 15 -26.83 27.03 27.26
N GLY A 16 -27.22 28.29 27.41
CA GLY A 16 -27.04 29.00 28.66
C GLY A 16 -25.70 29.71 28.76
N ARG A 17 -24.73 29.29 27.95
CA ARG A 17 -23.40 29.89 27.98
CA ARG A 17 -23.39 29.89 27.99
C ARG A 17 -23.15 30.78 26.77
N GLY A 18 -24.21 31.44 26.30
CA GLY A 18 -24.08 32.37 25.18
C GLY A 18 -24.06 31.71 23.81
N GLU A 19 -23.50 32.44 22.84
CA GLU A 19 -23.45 31.98 21.46
C GLU A 19 -22.61 30.72 21.31
N PRO A 20 -22.87 29.94 20.26
CA PRO A 20 -22.10 28.72 19.95
C PRO A 20 -20.66 29.05 19.62
N ARG A 21 -19.73 28.20 20.04
CA ARG A 21 -18.32 28.41 19.73
C ARG A 21 -18.00 28.00 18.30
N PHE A 22 -17.25 28.86 17.62
CA PHE A 22 -16.89 28.63 16.22
C PHE A 22 -15.36 28.60 16.07
N ILE A 23 -14.85 27.47 15.59
CA ILE A 23 -13.41 27.32 15.36
C ILE A 23 -13.15 26.81 13.95
N SER A 24 -12.40 27.60 13.17
CA SER A 24 -12.06 27.24 11.81
C SER A 24 -10.56 27.31 11.59
N VAL A 25 -10.00 26.29 10.93
CA VAL A 25 -8.57 26.25 10.66
C VAL A 25 -8.29 25.96 9.19
N GLY A 26 -7.23 26.58 8.67
CA GLY A 26 -6.82 26.38 7.29
C GLY A 26 -5.53 25.59 7.18
N TYR A 27 -5.51 24.64 6.25
CA TYR A 27 -4.36 23.78 6.03
C TYR A 27 -3.93 23.81 4.57
N VAL A 28 -2.62 23.88 4.36
CA VAL A 28 -2.03 23.53 3.07
C VAL A 28 -1.32 22.20 3.29
N ASP A 29 -1.83 21.14 2.66
CA ASP A 29 -1.36 19.79 2.93
C ASP A 29 -1.51 19.49 4.42
N ASP A 30 -0.39 19.21 5.08
CA ASP A 30 -0.43 18.90 6.51
C ASP A 30 0.09 20.06 7.36
N THR A 31 0.10 21.26 6.79
CA THR A 31 0.61 22.43 7.49
C THR A 31 -0.50 23.45 7.73
N GLN A 32 -0.79 23.72 9.00
CA GLN A 32 -1.77 24.74 9.35
C GLN A 32 -1.19 26.13 9.10
N PHE A 33 -2.00 27.02 8.52
CA PHE A 33 -1.52 28.37 8.21
C PHE A 33 -2.42 29.49 8.72
N VAL A 34 -3.69 29.20 8.95
CA VAL A 34 -4.60 30.20 9.51
C VAL A 34 -5.51 29.61 10.59
N ARG A 35 -6.12 30.50 11.37
CA ARG A 35 -6.96 30.08 12.48
C ARG A 35 -7.92 31.18 12.90
N PHE A 36 -9.19 30.82 13.05
CA PHE A 36 -10.19 31.75 13.55
C PHE A 36 -10.97 31.11 14.70
N ASP A 37 -10.98 31.78 15.85
CA ASP A 37 -11.68 31.29 17.02
C ASP A 37 -12.58 32.38 17.59
N SER A 38 -13.87 32.11 17.66
CA SER A 38 -14.84 33.08 18.17
C SER A 38 -14.61 33.38 19.64
N ASP A 39 -13.88 32.51 20.31
CA ASP A 39 -13.57 32.69 21.73
C ASP A 39 -12.19 33.29 21.97
N ALA A 40 -11.52 33.71 20.90
CA ALA A 40 -10.29 34.46 21.03
C ALA A 40 -10.63 35.84 21.60
N GLU A 41 -9.67 36.47 22.27
CA GLU A 41 -9.93 37.74 22.92
C GLU A 41 -10.29 38.86 21.94
N SER A 42 -9.83 38.71 20.70
CA SER A 42 -10.20 39.62 19.62
C SER A 42 -10.39 38.83 18.33
N PRO A 43 -11.52 38.11 18.23
CA PRO A 43 -11.81 37.19 17.13
C PRO A 43 -11.44 37.76 15.76
N ARG A 44 -10.54 37.08 15.07
CA ARG A 44 -10.08 37.50 13.76
C ARG A 44 -9.25 36.39 13.13
N GLU A 45 -9.07 36.44 11.82
CA GLU A 45 -8.21 35.49 11.13
C GLU A 45 -6.76 35.73 11.55
N GLU A 46 -6.11 34.68 12.07
CA GLU A 46 -4.73 34.79 12.52
C GLU A 46 -3.81 33.83 11.76
N PRO A 47 -2.58 34.28 11.48
CA PRO A 47 -1.57 33.44 10.83
C PRO A 47 -1.00 32.41 11.80
N ARG A 48 -0.76 31.19 11.30
CA ARG A 48 -0.17 30.13 12.10
C ARG A 48 1.03 29.53 11.37
N ALA A 49 1.34 30.11 10.21
CA ALA A 49 2.50 29.72 9.44
C ALA A 49 3.33 30.95 9.12
N PRO A 50 4.67 30.80 9.15
CA PRO A 50 5.58 31.92 8.89
C PRO A 50 5.38 32.52 7.50
N TRP A 51 5.00 31.70 6.54
CA TRP A 51 4.94 32.13 5.13
C TRP A 51 3.64 32.83 4.75
N VAL A 52 2.70 32.93 5.68
CA VAL A 52 1.43 33.58 5.40
C VAL A 52 1.36 34.96 6.04
N GLU A 53 2.31 35.25 6.92
CA GLU A 53 2.32 36.52 7.64
C GLU A 53 2.57 37.70 6.71
N GLN A 54 3.15 37.44 5.54
CA GLN A 54 3.51 38.51 4.61
C GLN A 54 2.30 39.11 3.90
N GLU A 55 1.15 38.45 4.03
CA GLU A 55 -0.08 38.95 3.43
C GLU A 55 -0.48 40.26 4.09
N GLY A 56 -0.80 41.26 3.26
CA GLY A 56 -1.18 42.57 3.76
C GLY A 56 -2.51 42.57 4.48
N PRO A 57 -2.86 43.72 5.09
CA PRO A 57 -4.08 43.90 5.89
C PRO A 57 -5.35 43.45 5.16
N GLU A 58 -5.46 43.76 3.87
CA GLU A 58 -6.64 43.41 3.10
C GLU A 58 -6.98 41.92 3.21
N TYR A 59 -5.95 41.09 3.18
CA TYR A 59 -6.13 39.65 3.27
C TYR A 59 -6.76 39.24 4.59
N TRP A 60 -6.25 39.81 5.68
CA TRP A 60 -6.73 39.46 7.02
C TRP A 60 -8.12 40.01 7.29
N GLU A 61 -8.42 41.17 6.74
CA GLU A 61 -9.74 41.77 6.88
C GLU A 61 -10.77 40.96 6.11
N GLU A 62 -10.45 40.61 4.87
CA GLU A 62 -11.35 39.81 4.05
C GLU A 62 -11.56 38.43 4.67
N ALA A 63 -10.47 37.82 5.12
CA ALA A 63 -10.53 36.50 5.75
C ALA A 63 -11.37 36.53 7.01
N THR A 64 -11.18 37.57 7.82
CA THR A 64 -11.98 37.74 9.03
C THR A 64 -13.46 37.88 8.67
N ARG A 65 -13.74 38.66 7.63
CA ARG A 65 -15.11 38.86 7.19
C ARG A 65 -15.75 37.53 6.83
N ARG A 66 -15.09 36.78 5.95
CA ARG A 66 -15.60 35.50 5.49
C ARG A 66 -15.78 34.51 6.65
N ALA A 67 -14.83 34.51 7.57
CA ALA A 67 -14.90 33.64 8.74
C ALA A 67 -16.11 33.98 9.60
N LYS A 68 -16.34 35.27 9.84
CA LYS A 68 -17.48 35.71 10.63
C LYS A 68 -18.81 35.37 9.96
N GLU A 69 -18.87 35.56 8.64
CA GLU A 69 -20.07 35.23 7.89
C GLU A 69 -20.35 33.73 8.02
N ALA A 70 -19.30 32.93 7.88
CA ALA A 70 -19.42 31.49 8.05
C ALA A 70 -19.94 31.13 9.44
N ALA A 71 -19.45 31.85 10.45
CA ALA A 71 -19.89 31.62 11.83
C ALA A 71 -21.38 31.90 11.99
N GLN A 72 -21.83 33.04 11.48
CA GLN A 72 -23.24 33.41 11.54
C GLN A 72 -24.11 32.34 10.87
N THR A 73 -23.75 31.99 9.64
CA THR A 73 -24.53 31.01 8.87
C THR A 73 -24.55 29.66 9.55
N HIS A 74 -23.42 29.25 10.11
CA HIS A 74 -23.34 28.02 10.88
C HIS A 74 -24.30 28.07 12.08
N ARG A 75 -24.37 29.23 12.73
CA ARG A 75 -25.24 29.46 13.89
C ARG A 75 -26.70 29.32 13.52
N GLU A 76 -27.02 29.77 12.31
CA GLU A 76 -28.35 29.61 11.73
C GLU A 76 -28.62 28.15 11.38
N ASN A 77 -27.57 27.45 10.95
CA ASN A 77 -27.69 26.04 10.61
C ASN A 77 -27.94 25.20 11.85
N LEU A 78 -27.39 25.62 12.98
CA LEU A 78 -27.67 24.94 14.25
C LEU A 78 -29.17 24.95 14.52
N ARG A 79 -29.76 26.14 14.48
CA ARG A 79 -31.18 26.31 14.72
C ARG A 79 -32.00 25.50 13.72
N THR A 80 -31.67 25.65 12.44
CA THR A 80 -32.35 24.91 11.39
C THR A 80 -32.32 23.41 11.66
N ALA A 81 -31.19 22.94 12.18
CA ALA A 81 -31.02 21.52 12.53
C ALA A 81 -31.91 21.14 13.71
N LEU A 82 -31.95 22.00 14.72
CA LEU A 82 -32.85 21.79 15.85
C LEU A 82 -34.26 21.58 15.34
N ARG A 83 -34.66 22.38 14.36
CA ARG A 83 -35.99 22.27 13.79
C ARG A 83 -36.17 21.00 12.96
N TYR A 84 -35.13 20.60 12.22
CA TYR A 84 -35.19 19.41 11.39
C TYR A 84 -35.36 18.14 12.22
N TYR A 85 -34.42 17.90 13.13
CA TYR A 85 -34.45 16.70 13.94
C TYR A 85 -35.39 16.83 15.14
N ASN A 86 -36.10 17.95 15.21
CA ASN A 86 -37.06 18.20 16.28
C ASN A 86 -36.41 18.04 17.65
N GLN A 87 -35.35 18.82 17.89
CA GLN A 87 -34.58 18.70 19.12
C GLN A 87 -34.72 19.93 20.02
N SER A 88 -34.37 19.77 21.29
CA SER A 88 -34.48 20.84 22.28
C SER A 88 -33.35 21.85 22.15
N GLU A 89 -33.62 23.08 22.59
CA GLU A 89 -32.62 24.14 22.55
C GLU A 89 -31.74 24.09 23.80
N ALA A 90 -32.03 23.13 24.68
CA ALA A 90 -31.28 22.99 25.93
C ALA A 90 -30.13 21.99 25.79
N GLY A 91 -30.09 21.31 24.66
CA GLY A 91 -29.05 20.33 24.40
C GLY A 91 -27.95 20.87 23.50
N SER A 92 -26.73 20.37 23.69
CA SER A 92 -25.59 20.80 22.89
C SER A 92 -25.46 19.99 21.61
N HIS A 93 -25.13 20.67 20.52
CA HIS A 93 -24.98 20.02 19.22
C HIS A 93 -23.80 20.58 18.45
N THR A 94 -23.30 19.80 17.49
CA THR A 94 -22.09 20.18 16.76
C THR A 94 -22.26 20.05 15.25
N ILE A 95 -21.85 21.10 14.53
CA ILE A 95 -21.78 21.04 13.08
C ILE A 95 -20.33 21.12 12.65
N GLN A 96 -19.91 20.20 11.78
CA GLN A 96 -18.55 20.22 11.27
C GLN A 96 -18.58 20.31 9.75
N LYS A 97 -17.65 21.05 9.17
CA LYS A 97 -17.61 21.18 7.72
C LYS A 97 -16.19 21.32 7.20
N MET A 98 -15.77 20.36 6.36
CA MET A 98 -14.47 20.45 5.73
C MET A 98 -14.66 20.67 4.23
N TYR A 99 -13.88 21.57 3.66
CA TYR A 99 -13.89 21.73 2.20
C TYR A 99 -12.51 22.06 1.68
N GLY A 100 -12.35 22.10 0.36
CA GLY A 100 -11.05 22.44 -0.20
C GLY A 100 -10.77 21.86 -1.57
N CYS A 101 -9.57 22.12 -2.07
CA CYS A 101 -9.21 21.73 -3.43
C CYS A 101 -7.84 21.06 -3.50
N ASP A 102 -7.67 20.20 -4.50
CA ASP A 102 -6.39 19.55 -4.75
C ASP A 102 -5.77 20.02 -6.06
N LEU A 103 -4.61 20.64 -5.96
CA LEU A 103 -3.86 21.08 -7.13
C LEU A 103 -3.04 19.93 -7.69
N GLY A 104 -3.36 19.54 -8.93
CA GLY A 104 -2.61 18.51 -9.62
C GLY A 104 -1.30 19.04 -10.17
N PRO A 105 -0.39 18.14 -10.56
CA PRO A 105 0.91 18.54 -11.09
C PRO A 105 0.78 19.31 -12.40
N ASP A 106 -0.28 19.03 -13.15
CA ASP A 106 -0.53 19.71 -14.42
C ASP A 106 -1.14 21.10 -14.20
N GLY A 107 -1.26 21.50 -12.93
CA GLY A 107 -1.74 22.82 -12.58
C GLY A 107 -3.25 22.95 -12.59
N ARG A 108 -3.95 21.86 -12.90
CA ARG A 108 -5.40 21.89 -12.98
C ARG A 108 -6.03 21.23 -11.75
N LEU A 109 -7.32 21.45 -11.56
CA LEU A 109 -8.04 20.89 -10.41
C LEU A 109 -8.04 19.36 -10.46
N LEU A 110 -7.60 18.74 -9.38
CA LEU A 110 -7.54 17.28 -9.30
C LEU A 110 -8.71 16.72 -8.51
N ARG A 111 -9.00 17.34 -7.38
CA ARG A 111 -10.05 16.87 -6.49
C ARG A 111 -10.75 18.04 -5.80
N GLY A 112 -12.03 17.87 -5.51
CA GLY A 112 -12.82 18.89 -4.83
C GLY A 112 -13.52 18.33 -3.62
N TYR A 113 -13.62 19.13 -2.56
CA TYR A 113 -14.21 18.68 -1.31
C TYR A 113 -15.16 19.72 -0.71
N HIS A 114 -16.34 19.26 -0.31
CA HIS A 114 -17.25 20.06 0.48
C HIS A 114 -18.22 19.14 1.22
N GLN A 115 -17.83 18.74 2.43
CA GLN A 115 -18.63 17.80 3.20
C GLN A 115 -18.87 18.29 4.61
N SER A 116 -20.02 17.95 5.17
CA SER A 116 -20.40 18.41 6.50
C SER A 116 -21.17 17.36 7.28
N ALA A 117 -20.88 17.29 8.58
CA ALA A 117 -21.49 16.33 9.48
C ALA A 117 -22.22 17.05 10.62
N TYR A 118 -23.25 16.39 11.14
CA TYR A 118 -24.00 16.89 12.28
C TYR A 118 -23.87 15.90 13.44
N ASP A 119 -23.40 16.38 14.58
CA ASP A 119 -23.17 15.53 15.75
C ASP A 119 -22.28 14.32 15.45
N GLY A 120 -21.24 14.53 14.66
CA GLY A 120 -20.25 13.50 14.40
C GLY A 120 -20.62 12.51 13.31
N LYS A 121 -21.83 12.64 12.76
CA LYS A 121 -22.28 11.76 11.70
C LYS A 121 -22.44 12.52 10.39
N ASP A 122 -22.11 11.88 9.28
CA ASP A 122 -22.31 12.47 7.96
C ASP A 122 -23.67 13.17 7.88
N TYR A 123 -23.67 14.39 7.35
CA TYR A 123 -24.92 15.09 7.08
C TYR A 123 -25.13 15.23 5.58
N ILE A 124 -24.29 16.03 4.93
CA ILE A 124 -24.39 16.21 3.49
C ILE A 124 -23.01 16.40 2.86
N ALA A 125 -22.78 15.77 1.72
CA ALA A 125 -21.45 15.82 1.11
C ALA A 125 -21.50 16.02 -0.41
N LEU A 126 -20.60 16.85 -0.92
CA LEU A 126 -20.48 17.04 -2.35
C LEU A 126 -19.88 15.80 -3.00
N ASN A 127 -20.51 15.31 -4.05
CA ASN A 127 -20.02 14.12 -4.73
C ASN A 127 -18.76 14.38 -5.55
N GLY A 128 -18.07 13.32 -5.92
CA GLY A 128 -16.84 13.43 -6.68
C GLY A 128 -17.00 14.19 -7.99
N ASP A 129 -18.20 14.12 -8.58
CA ASP A 129 -18.47 14.80 -9.84
C ASP A 129 -18.57 16.31 -9.66
N LEU A 130 -18.61 16.76 -8.41
CA LEU A 130 -18.66 18.19 -8.09
C LEU A 130 -19.91 18.86 -8.66
N ARG A 131 -20.98 18.08 -8.83
CA ARG A 131 -22.21 18.59 -9.40
C ARG A 131 -23.46 18.16 -8.62
N SER A 132 -23.36 17.04 -7.93
CA SER A 132 -24.48 16.52 -7.15
C SER A 132 -24.12 16.37 -5.68
N TRP A 133 -25.14 16.28 -4.83
CA TRP A 133 -24.93 16.13 -3.39
C TRP A 133 -25.44 14.78 -2.91
N THR A 134 -24.89 14.31 -1.79
CA THR A 134 -25.36 13.10 -1.14
C THR A 134 -25.77 13.42 0.30
N ALA A 135 -27.02 13.09 0.62
CA ALA A 135 -27.56 13.34 1.94
C ALA A 135 -27.60 12.05 2.74
N ALA A 136 -27.18 12.12 4.00
CA ALA A 136 -27.06 10.93 4.84
C ALA A 136 -28.41 10.46 5.39
N ASP A 137 -29.35 11.39 5.52
CA ASP A 137 -30.67 11.03 6.06
C ASP A 137 -31.78 11.94 5.53
N MET A 138 -32.98 11.80 6.10
CA MET A 138 -34.14 12.57 5.68
C MET A 138 -33.93 14.07 5.90
N ALA A 139 -33.42 14.43 7.08
CA ALA A 139 -33.22 15.82 7.42
C ALA A 139 -32.28 16.52 6.44
N ALA A 140 -31.26 15.79 5.99
CA ALA A 140 -30.27 16.34 5.07
C ALA A 140 -30.83 16.48 3.66
N GLN A 141 -31.91 15.76 3.37
CA GLN A 141 -32.53 15.82 2.06
C GLN A 141 -33.14 17.20 1.78
N ASN A 142 -33.59 17.86 2.83
CA ASN A 142 -34.09 19.22 2.71
C ASN A 142 -32.97 20.14 2.25
N THR A 143 -31.83 20.05 2.93
CA THR A 143 -30.66 20.85 2.60
C THR A 143 -30.20 20.55 1.18
N GLN A 144 -30.26 19.28 0.79
CA GLN A 144 -29.87 18.87 -0.56
C GLN A 144 -30.78 19.52 -1.60
N ARG A 145 -32.09 19.38 -1.40
CA ARG A 145 -33.05 19.96 -2.33
C ARG A 145 -32.88 21.46 -2.47
N LYS A 146 -32.76 22.16 -1.34
CA LYS A 146 -32.65 23.61 -1.39
C LYS A 146 -31.29 24.09 -1.90
N TRP A 147 -30.27 23.23 -1.79
CA TRP A 147 -28.96 23.54 -2.35
C TRP A 147 -28.97 23.32 -3.86
N GLU A 148 -29.78 22.38 -4.32
CA GLU A 148 -29.95 22.15 -5.74
C GLU A 148 -30.77 23.28 -6.34
N GLY A 149 -31.71 23.80 -5.54
CA GLY A 149 -32.59 24.87 -5.99
C GLY A 149 -31.88 26.18 -6.28
N ASN A 150 -30.76 26.40 -5.60
CA ASN A 150 -30.00 27.64 -5.80
C ASN A 150 -28.61 27.41 -6.38
N ARG A 151 -28.43 26.27 -7.05
CA ARG A 151 -27.20 25.95 -7.78
C ARG A 151 -25.94 26.21 -6.96
N TYR A 152 -25.84 25.60 -5.79
CA TYR A 152 -24.69 25.82 -4.91
C TYR A 152 -23.45 25.02 -5.32
N ALA A 153 -23.66 23.79 -5.79
CA ALA A 153 -22.57 22.95 -6.24
C ALA A 153 -21.76 23.64 -7.32
N GLU A 154 -22.46 24.24 -8.29
CA GLU A 154 -21.85 24.96 -9.38
C GLU A 154 -21.09 26.18 -8.86
N ARG A 155 -21.73 26.90 -7.94
CA ARG A 155 -21.18 28.11 -7.35
C ARG A 155 -19.91 27.80 -6.57
N PHE A 156 -19.90 26.66 -5.89
CA PHE A 156 -18.71 26.23 -5.17
C PHE A 156 -17.66 25.72 -6.15
N ARG A 157 -18.11 25.20 -7.27
CA ARG A 157 -17.21 24.70 -8.30
CA ARG A 157 -17.20 24.70 -8.29
C ARG A 157 -16.44 25.86 -8.92
N ALA A 158 -17.11 27.02 -9.00
CA ALA A 158 -16.48 28.21 -9.52
C ALA A 158 -15.33 28.65 -8.63
N TYR A 159 -15.49 28.45 -7.33
CA TYR A 159 -14.45 28.77 -6.35
C TYR A 159 -13.32 27.74 -6.39
N LEU A 160 -13.71 26.47 -6.51
CA LEU A 160 -12.74 25.39 -6.58
C LEU A 160 -11.73 25.62 -7.69
N GLU A 161 -12.22 26.02 -8.86
CA GLU A 161 -11.38 26.23 -10.03
C GLU A 161 -10.87 27.67 -10.11
N GLY A 162 -11.32 28.51 -9.19
CA GLY A 162 -10.95 29.92 -9.19
C GLY A 162 -10.00 30.28 -8.07
N GLU A 163 -10.53 31.01 -7.09
CA GLU A 163 -9.71 31.51 -5.97
C GLU A 163 -8.94 30.42 -5.24
N CYS A 164 -9.54 29.25 -5.09
CA CYS A 164 -8.94 28.17 -4.34
C CYS A 164 -7.59 27.76 -4.93
N LEU A 165 -7.57 27.49 -6.23
CA LEU A 165 -6.35 27.10 -6.92
C LEU A 165 -5.33 28.24 -6.97
N GLU A 166 -5.79 29.44 -7.29
CA GLU A 166 -4.90 30.60 -7.37
C GLU A 166 -4.15 30.79 -6.05
N TRP A 167 -4.92 30.90 -4.97
CA TRP A 167 -4.33 31.11 -3.65
C TRP A 167 -3.55 29.90 -3.15
N LEU A 168 -3.92 28.70 -3.60
CA LEU A 168 -3.13 27.52 -3.26
C LEU A 168 -1.75 27.61 -3.89
N ARG A 169 -1.70 27.96 -5.17
CA ARG A 169 -0.43 28.15 -5.86
C ARG A 169 0.39 29.23 -5.17
N ARG A 170 -0.28 30.33 -4.84
CA ARG A 170 0.37 31.44 -4.14
C ARG A 170 1.03 30.96 -2.84
N TYR A 171 0.25 30.25 -2.01
CA TYR A 171 0.76 29.72 -0.75
C TYR A 171 1.94 28.78 -0.99
N LEU A 172 1.83 27.97 -2.03
CA LEU A 172 2.87 27.00 -2.37
C LEU A 172 4.17 27.69 -2.74
N GLU A 173 4.07 28.81 -3.44
CA GLU A 173 5.26 29.55 -3.86
C GLU A 173 5.86 30.32 -2.68
N ASN A 174 5.02 30.96 -1.89
CA ASN A 174 5.48 31.74 -0.74
C ASN A 174 6.13 30.89 0.35
N GLY A 175 5.61 29.68 0.55
CA GLY A 175 6.17 28.78 1.55
C GLY A 175 6.84 27.59 0.91
N LYS A 176 7.55 27.83 -0.18
CA LYS A 176 8.18 26.77 -0.96
C LYS A 176 9.09 25.87 -0.13
N GLU A 177 9.96 26.47 0.67
CA GLU A 177 10.97 25.71 1.40
C GLU A 177 10.42 24.92 2.59
N THR A 178 9.14 25.11 2.89
CA THR A 178 8.51 24.40 4.01
C THR A 178 7.34 23.52 3.55
N LEU A 179 6.69 23.92 2.47
CA LEU A 179 5.55 23.18 1.95
C LEU A 179 5.94 22.19 0.86
N GLN A 180 6.91 22.57 0.04
CA GLN A 180 7.35 21.73 -1.06
C GLN A 180 8.58 20.90 -0.68
N ARG A 181 8.75 20.69 0.62
CA ARG A 181 9.86 19.90 1.12
C ARG A 181 9.43 18.47 1.38
N ALA A 182 10.40 17.56 1.43
CA ALA A 182 10.13 16.17 1.74
C ALA A 182 11.15 15.66 2.74
N ASP A 183 11.03 16.08 3.99
CA ASP A 183 11.97 15.68 5.03
C ASP A 183 11.78 14.20 5.41
N PRO A 184 12.84 13.40 5.21
CA PRO A 184 12.80 11.96 5.48
C PRO A 184 12.80 11.69 6.98
N PRO A 185 12.22 10.54 7.39
CA PRO A 185 12.15 10.18 8.81
C PRO A 185 13.49 9.66 9.34
N LYS A 186 13.90 10.17 10.48
CA LYS A 186 15.03 9.59 11.20
C LYS A 186 14.52 8.31 11.88
N THR A 187 15.14 7.19 11.53
CA THR A 187 14.65 5.90 11.96
C THR A 187 15.67 5.11 12.79
N HIS A 188 15.15 4.17 13.58
CA HIS A 188 16.00 3.28 14.36
C HIS A 188 15.13 2.22 15.05
N VAL A 189 15.74 1.09 15.39
CA VAL A 189 15.01 0.01 16.04
C VAL A 189 15.46 -0.16 17.49
N THR A 190 14.50 -0.29 18.39
CA THR A 190 14.79 -0.50 19.81
C THR A 190 14.28 -1.84 20.31
N HIS A 191 14.85 -2.31 21.41
CA HIS A 191 14.57 -3.63 21.96
C HIS A 191 14.11 -3.51 23.41
N HIS A 192 12.94 -4.07 23.71
CA HIS A 192 12.35 -3.95 25.04
C HIS A 192 11.80 -5.28 25.54
N PRO A 193 12.60 -6.01 26.33
CA PRO A 193 12.22 -7.34 26.82
C PRO A 193 10.87 -7.34 27.53
N VAL A 194 9.98 -8.24 27.12
CA VAL A 194 8.69 -8.42 27.77
C VAL A 194 8.82 -9.39 28.95
N SER A 195 9.60 -10.45 28.73
CA SER A 195 9.85 -11.44 29.77
C SER A 195 11.23 -12.07 29.59
N ASP A 196 11.27 -13.40 29.57
CA ASP A 196 12.51 -14.13 29.35
C ASP A 196 12.47 -14.91 28.04
N HIS A 197 11.27 -15.03 27.48
CA HIS A 197 11.08 -15.76 26.24
C HIS A 197 10.58 -14.84 25.11
N GLU A 198 10.29 -13.60 25.46
CA GLU A 198 9.79 -12.64 24.49
C GLU A 198 10.43 -11.26 24.65
N ALA A 199 10.37 -10.48 23.58
CA ALA A 199 10.89 -9.12 23.58
C ALA A 199 10.22 -8.29 22.50
N THR A 200 9.98 -7.02 22.78
CA THR A 200 9.32 -6.13 21.83
C THR A 200 10.34 -5.41 20.96
N LEU A 201 10.13 -5.44 19.65
CA LEU A 201 10.94 -4.65 18.74
C LEU A 201 10.14 -3.43 18.29
N ARG A 202 10.70 -2.25 18.52
CA ARG A 202 10.00 -1.01 18.17
C ARG A 202 10.74 -0.24 17.08
N CYS A 203 10.07 -0.07 15.94
CA CYS A 203 10.63 0.67 14.82
C CYS A 203 10.16 2.11 14.86
N TRP A 204 11.11 3.04 14.91
CA TRP A 204 10.80 4.46 15.06
C TRP A 204 10.94 5.23 13.75
N ALA A 205 10.10 6.24 13.61
CA ALA A 205 10.19 7.17 12.48
C ALA A 205 9.86 8.55 13.00
N LEU A 206 10.88 9.41 13.08
CA LEU A 206 10.74 10.71 13.72
C LEU A 206 11.11 11.87 12.80
N GLY A 207 10.39 12.97 12.93
CA GLY A 207 10.72 14.21 12.25
C GLY A 207 10.61 14.18 10.74
N PHE A 208 9.53 13.59 10.23
CA PHE A 208 9.32 13.51 8.79
C PHE A 208 8.13 14.34 8.33
N TYR A 209 8.12 14.68 7.05
CA TYR A 209 7.03 15.46 6.46
C TYR A 209 6.94 15.18 4.96
N PRO A 210 5.72 15.00 4.44
CA PRO A 210 4.45 15.12 5.16
C PRO A 210 4.14 13.90 6.03
N ALA A 211 2.92 13.84 6.56
CA ALA A 211 2.54 12.80 7.50
C ALA A 211 2.40 11.42 6.85
N GLU A 212 2.15 11.40 5.55
CA GLU A 212 2.02 10.14 4.82
C GLU A 212 3.28 9.28 4.96
N ILE A 213 3.11 8.07 5.47
CA ILE A 213 4.23 7.16 5.69
C ILE A 213 3.72 5.74 5.86
N THR A 214 4.59 4.76 5.64
CA THR A 214 4.20 3.37 5.81
C THR A 214 5.26 2.59 6.61
N LEU A 215 4.84 1.99 7.71
CA LEU A 215 5.71 1.17 8.54
C LEU A 215 5.17 -0.25 8.65
N THR A 216 5.98 -1.23 8.25
CA THR A 216 5.56 -2.62 8.36
C THR A 216 6.66 -3.48 8.97
N TRP A 217 6.26 -4.60 9.59
CA TRP A 217 7.22 -5.57 10.09
C TRP A 217 7.16 -6.85 9.28
N GLN A 218 8.31 -7.47 9.06
CA GLN A 218 8.37 -8.72 8.31
C GLN A 218 9.20 -9.76 9.04
N ARG A 219 8.72 -11.00 9.01
CA ARG A 219 9.45 -12.13 9.59
C ARG A 219 9.91 -13.04 8.47
N ASP A 220 11.22 -13.06 8.23
CA ASP A 220 11.80 -13.87 7.16
C ASP A 220 11.37 -13.38 5.79
N GLY A 221 11.13 -12.07 5.67
CA GLY A 221 10.77 -11.48 4.41
C GLY A 221 9.28 -11.52 4.11
N GLU A 222 8.49 -11.87 5.11
CA GLU A 222 7.03 -11.95 4.94
C GLU A 222 6.32 -11.06 5.95
N GLU A 223 5.47 -10.17 5.45
CA GLU A 223 4.74 -9.24 6.30
C GLU A 223 4.05 -9.96 7.45
N GLN A 224 4.03 -9.31 8.61
CA GLN A 224 3.42 -9.91 9.79
C GLN A 224 2.44 -8.95 10.47
N THR A 225 1.24 -9.45 10.76
CA THR A 225 0.21 -8.65 11.41
C THR A 225 0.02 -9.14 12.84
N GLN A 226 0.33 -10.41 13.08
CA GLN A 226 0.18 -11.01 14.39
C GLN A 226 1.14 -10.37 15.38
N ASP A 227 0.63 -10.06 16.57
CA ASP A 227 1.45 -9.53 17.67
C ASP A 227 2.13 -8.21 17.32
N THR A 228 1.52 -7.44 16.42
CA THR A 228 2.08 -6.13 16.07
C THR A 228 1.18 -5.00 16.58
N GLU A 229 1.80 -3.86 16.87
CA GLU A 229 1.07 -2.68 17.30
C GLU A 229 1.61 -1.44 16.62
N PHE A 230 0.79 -0.83 15.76
CA PHE A 230 1.17 0.40 15.08
C PHE A 230 0.36 1.56 15.64
N VAL A 231 1.06 2.58 16.16
CA VAL A 231 0.39 3.74 16.72
C VAL A 231 0.03 4.76 15.65
N GLU A 232 -1.03 5.52 15.93
CA GLU A 232 -1.50 6.55 15.02
C GLU A 232 -0.41 7.61 14.82
N THR A 233 -0.18 8.00 13.58
CA THR A 233 0.78 9.05 13.27
C THR A 233 0.51 10.29 14.12
N ARG A 234 1.55 10.78 14.79
CA ARG A 234 1.40 11.89 15.72
C ARG A 234 2.30 13.05 15.33
N PRO A 235 1.89 14.29 15.67
CA PRO A 235 2.66 15.49 15.36
C PRO A 235 3.82 15.69 16.33
N GLY A 236 4.89 16.32 15.86
CA GLY A 236 6.05 16.57 16.70
C GLY A 236 5.89 17.82 17.53
N GLY A 237 5.03 18.73 17.06
CA GLY A 237 4.80 19.99 17.74
C GLY A 237 5.60 21.10 17.10
N ASP A 238 6.45 20.73 16.13
CA ASP A 238 7.30 21.69 15.44
C ASP A 238 7.05 21.66 13.94
N GLY A 239 6.00 20.95 13.53
CA GLY A 239 5.64 20.87 12.13
C GLY A 239 6.02 19.54 11.49
N THR A 240 6.60 18.65 12.28
CA THR A 240 6.99 17.32 11.80
C THR A 240 6.01 16.26 12.30
N PHE A 241 6.25 15.02 11.93
CA PHE A 241 5.40 13.91 12.35
C PHE A 241 6.21 12.72 12.82
N GLN A 242 5.58 11.87 13.63
CA GLN A 242 6.24 10.69 14.17
C GLN A 242 5.33 9.47 14.04
N LYS A 243 5.94 8.29 14.08
CA LYS A 243 5.20 7.04 14.06
C LYS A 243 6.14 5.89 14.40
N TRP A 244 5.67 4.96 15.23
CA TRP A 244 6.44 3.75 15.49
C TRP A 244 5.58 2.51 15.41
N GLY A 245 6.21 1.40 15.03
CA GLY A 245 5.51 0.13 14.93
C GLY A 245 6.26 -0.95 15.70
N ALA A 246 5.56 -1.64 16.59
CA ALA A 246 6.19 -2.64 17.43
C ALA A 246 5.72 -4.05 17.08
N VAL A 247 6.55 -5.03 17.41
CA VAL A 247 6.19 -6.43 17.22
C VAL A 247 6.80 -7.28 18.33
N VAL A 248 5.99 -8.15 18.91
CA VAL A 248 6.46 -9.06 19.95
C VAL A 248 7.13 -10.28 19.32
N VAL A 249 8.38 -10.51 19.71
CA VAL A 249 9.21 -11.53 19.07
C VAL A 249 9.75 -12.51 20.09
N PRO A 250 9.79 -13.80 19.73
CA PRO A 250 10.42 -14.82 20.57
C PRO A 250 11.91 -14.54 20.71
N SER A 251 12.41 -14.53 21.94
CA SER A 251 13.82 -14.30 22.20
C SER A 251 14.70 -15.22 21.35
N GLY A 252 15.52 -14.62 20.49
CA GLY A 252 16.42 -15.39 19.64
C GLY A 252 16.08 -15.31 18.16
N GLU A 253 14.93 -14.72 17.84
CA GLU A 253 14.49 -14.58 16.46
C GLU A 253 14.56 -13.14 15.99
N GLU A 254 15.14 -12.27 16.83
CA GLU A 254 15.20 -10.84 16.53
C GLU A 254 15.79 -10.54 15.16
N GLN A 255 16.79 -11.33 14.77
CA GLN A 255 17.52 -11.07 13.52
C GLN A 255 16.78 -11.58 12.28
N ARG A 256 15.60 -12.15 12.49
CA ARG A 256 14.77 -12.62 11.39
C ARG A 256 13.65 -11.62 11.11
N TYR A 257 13.60 -10.55 11.91
CA TYR A 257 12.60 -9.50 11.73
C TYR A 257 13.20 -8.25 11.10
N THR A 258 12.48 -7.68 10.15
CA THR A 258 12.92 -6.45 9.51
C THR A 258 11.81 -5.41 9.47
N CYS A 259 12.20 -4.15 9.62
CA CYS A 259 11.24 -3.05 9.56
C CYS A 259 11.32 -2.39 8.19
N HIS A 260 10.17 -2.11 7.59
CA HIS A 260 10.13 -1.49 6.28
C HIS A 260 9.40 -0.15 6.34
N VAL A 261 10.09 0.90 5.89
CA VAL A 261 9.58 2.26 5.97
C VAL A 261 9.51 2.90 4.60
N GLN A 262 8.34 3.39 4.22
CA GLN A 262 8.15 4.07 2.95
C GLN A 262 7.68 5.50 3.18
N HIS A 263 8.40 6.45 2.61
CA HIS A 263 8.07 7.87 2.75
C HIS A 263 8.53 8.66 1.53
N GLU A 264 7.85 9.77 1.27
CA GLU A 264 8.13 10.59 0.10
C GLU A 264 9.54 11.17 0.10
N GLY A 265 10.09 11.41 1.29
CA GLY A 265 11.41 11.99 1.42
C GLY A 265 12.52 10.96 1.34
N LEU A 266 12.14 9.70 1.19
CA LEU A 266 13.10 8.60 1.10
C LEU A 266 13.37 8.24 -0.36
N PRO A 267 14.64 8.35 -0.78
CA PRO A 267 15.05 7.94 -2.13
C PRO A 267 14.55 6.53 -2.43
N GLU A 268 14.89 5.58 -1.57
CA GLU A 268 14.36 4.24 -1.64
C GLU A 268 13.84 3.81 -0.27
N PRO A 269 12.86 2.88 -0.25
CA PRO A 269 12.33 2.38 1.02
C PRO A 269 13.42 1.79 1.90
N LEU A 270 13.25 1.89 3.21
CA LEU A 270 14.26 1.44 4.15
C LEU A 270 13.98 0.04 4.71
N THR A 271 15.02 -0.76 4.80
CA THR A 271 14.94 -2.06 5.47
C THR A 271 15.87 -2.04 6.68
N LEU A 272 15.29 -2.03 7.87
CA LEU A 272 16.04 -1.87 9.10
C LEU A 272 16.03 -3.13 9.95
N ARG A 273 17.16 -3.38 10.61
CA ARG A 273 17.30 -4.51 11.52
C ARG A 273 17.76 -3.95 12.86
N TRP A 274 17.50 -4.68 13.94
CA TRP A 274 17.92 -4.22 15.26
C TRP A 274 19.43 -4.33 15.44
N GLU A 275 20.08 -3.18 15.55
CA GLU A 275 21.53 -3.10 15.72
C GLU A 275 21.88 -2.74 17.16
N PRO A 276 22.16 -3.75 17.98
CA PRO A 276 22.48 -3.54 19.40
C PRO A 276 23.70 -2.65 19.58
N ILE B 1 -23.38 10.89 18.17
CA ILE B 1 -22.59 9.75 18.62
C ILE B 1 -21.36 10.22 19.38
N GLN B 2 -20.95 9.43 20.38
CA GLN B 2 -19.80 9.76 21.21
C GLN B 2 -18.66 8.77 21.01
N ARG B 3 -17.43 9.29 20.97
CA ARG B 3 -16.27 8.44 20.81
C ARG B 3 -15.23 8.69 21.90
N THR B 4 -14.63 7.61 22.39
CA THR B 4 -13.63 7.69 23.44
C THR B 4 -12.29 8.17 22.87
N PRO B 5 -11.64 9.12 23.54
CA PRO B 5 -10.37 9.69 23.08
C PRO B 5 -9.20 8.72 23.20
N LYS B 6 -8.27 8.81 22.24
CA LYS B 6 -7.01 8.08 22.31
C LYS B 6 -5.95 9.05 22.80
N ILE B 7 -5.04 8.56 23.63
CA ILE B 7 -4.00 9.41 24.20
C ILE B 7 -2.60 8.87 23.90
N GLN B 8 -1.73 9.75 23.43
CA GLN B 8 -0.32 9.41 23.24
C GLN B 8 0.55 10.47 23.87
N VAL B 9 1.20 10.13 24.98
CA VAL B 9 2.15 11.04 25.61
C VAL B 9 3.57 10.66 25.22
N TYR B 10 4.28 11.58 24.58
CA TYR B 10 5.59 11.29 24.01
C TYR B 10 6.44 12.55 23.93
N SER B 11 7.71 12.39 23.60
CA SER B 11 8.62 13.53 23.46
C SER B 11 8.90 13.84 22.00
N ARG B 12 9.16 15.11 21.70
CA ARG B 12 9.46 15.53 20.34
C ARG B 12 10.72 14.86 19.82
N HIS B 13 11.76 14.87 20.64
CA HIS B 13 13.02 14.23 20.29
C HIS B 13 13.30 13.06 21.23
N PRO B 14 14.10 12.09 20.77
CA PRO B 14 14.54 11.01 21.66
C PRO B 14 15.12 11.59 22.94
N PRO B 15 14.57 11.22 24.10
CA PRO B 15 14.92 11.82 25.39
C PRO B 15 16.34 11.51 25.85
N GLU B 16 17.02 12.55 26.33
CA GLU B 16 18.33 12.40 26.96
C GLU B 16 18.33 13.14 28.28
N ASN B 17 18.58 12.41 29.37
CA ASN B 17 18.58 13.01 30.69
C ASN B 17 19.45 14.26 30.76
N GLY B 18 18.85 15.38 31.16
CA GLY B 18 19.57 16.62 31.33
C GLY B 18 19.53 17.51 30.11
N LYS B 19 18.96 17.00 29.03
CA LYS B 19 18.87 17.74 27.78
C LYS B 19 17.46 18.26 27.55
N PRO B 20 17.31 19.58 27.33
CA PRO B 20 16.00 20.20 27.10
C PRO B 20 15.24 19.52 25.96
N ASN B 21 13.93 19.38 26.13
CA ASN B 21 13.09 18.68 25.18
C ASN B 21 11.64 19.17 25.27
N PHE B 22 10.77 18.61 24.45
CA PHE B 22 9.38 19.02 24.41
C PHE B 22 8.42 17.85 24.66
N LEU B 23 7.57 18.02 25.67
CA LEU B 23 6.58 17.00 26.03
C LEU B 23 5.26 17.26 25.32
N ASN B 24 4.74 16.20 24.70
CA ASN B 24 3.49 16.25 23.95
C ASN B 24 2.47 15.23 24.43
N CYS B 25 1.23 15.67 24.56
CA CYS B 25 0.10 14.76 24.75
C CYS B 25 -0.85 14.93 23.57
N TYR B 26 -0.98 13.88 22.78
CA TYR B 26 -1.82 13.89 21.59
C TYR B 26 -3.12 13.13 21.86
N VAL B 27 -4.22 13.85 21.87
CA VAL B 27 -5.54 13.26 22.09
C VAL B 27 -6.32 13.27 20.78
N SER B 28 -6.83 12.12 20.38
CA SER B 28 -7.50 12.01 19.08
C SER B 28 -8.75 11.15 19.10
N GLY B 29 -9.41 11.06 17.95
CA GLY B 29 -10.56 10.19 17.77
C GLY B 29 -11.66 10.31 18.80
N PHE B 30 -11.84 11.51 19.36
CA PHE B 30 -12.89 11.71 20.35
C PHE B 30 -14.04 12.58 19.84
N HIS B 31 -15.16 12.54 20.58
CA HIS B 31 -16.35 13.29 20.22
C HIS B 31 -17.34 13.19 21.36
N PRO B 32 -17.95 14.33 21.76
CA PRO B 32 -17.80 15.64 21.13
C PRO B 32 -16.46 16.31 21.44
N SER B 33 -16.33 17.59 21.11
CA SER B 33 -15.07 18.30 21.24
C SER B 33 -14.78 18.75 22.67
N ASP B 34 -15.80 18.78 23.52
CA ASP B 34 -15.61 19.12 24.92
C ASP B 34 -14.66 18.13 25.60
N ILE B 35 -13.53 18.64 26.06
CA ILE B 35 -12.52 17.78 26.66
C ILE B 35 -11.54 18.59 27.50
N GLU B 36 -10.94 17.96 28.51
CA GLU B 36 -9.92 18.63 29.30
C GLU B 36 -8.63 17.82 29.32
N VAL B 37 -7.51 18.48 29.06
CA VAL B 37 -6.22 17.82 29.04
C VAL B 37 -5.22 18.55 29.92
N ASP B 38 -4.48 17.78 30.72
CA ASP B 38 -3.46 18.35 31.58
C ASP B 38 -2.16 17.57 31.48
N LEU B 39 -1.04 18.30 31.51
CA LEU B 39 0.27 17.66 31.61
C LEU B 39 0.73 17.75 33.06
N LEU B 40 1.14 16.61 33.60
CA LEU B 40 1.50 16.52 35.01
C LEU B 40 2.95 16.12 35.20
N LYS B 41 3.62 16.78 36.13
CA LYS B 41 4.94 16.37 36.56
C LYS B 41 4.85 15.92 38.01
N ASN B 42 5.10 14.64 38.25
CA ASN B 42 4.97 14.06 39.58
C ASN B 42 3.59 14.28 40.17
N GLY B 43 2.56 14.17 39.32
CA GLY B 43 1.19 14.24 39.78
C GLY B 43 0.61 15.65 39.87
N GLU B 44 1.44 16.66 39.63
CA GLU B 44 0.98 18.04 39.69
C GLU B 44 1.02 18.71 38.32
N LYS B 45 0.02 19.53 38.04
CA LYS B 45 -0.07 20.22 36.77
C LYS B 45 1.15 21.10 36.53
N MET B 46 1.76 20.94 35.36
CA MET B 46 2.95 21.71 35.01
C MET B 46 2.64 23.19 34.80
N GLY B 47 3.68 24.01 34.78
CA GLY B 47 3.52 25.46 34.77
C GLY B 47 2.85 26.07 33.54
N LYS B 48 3.39 25.78 32.37
CA LYS B 48 2.93 26.41 31.14
C LYS B 48 2.54 25.39 30.07
N VAL B 49 1.27 25.01 30.06
CA VAL B 49 0.77 24.03 29.10
C VAL B 49 -0.16 24.69 28.08
N GLU B 50 0.15 24.53 26.81
CA GLU B 50 -0.66 25.09 25.73
C GLU B 50 -1.13 23.99 24.79
N HIS B 51 -2.07 24.32 23.91
CA HIS B 51 -2.61 23.32 22.99
C HIS B 51 -2.84 23.90 21.59
N SER B 52 -2.91 23.00 20.61
CA SER B 52 -3.13 23.38 19.23
C SER B 52 -4.59 23.76 19.00
N ASP B 53 -4.88 24.31 17.82
CA ASP B 53 -6.25 24.68 17.47
C ASP B 53 -7.07 23.44 17.13
N LEU B 54 -8.31 23.41 17.60
CA LEU B 54 -9.18 22.26 17.38
C LEU B 54 -9.35 21.92 15.91
N SER B 55 -9.21 20.65 15.58
CA SER B 55 -9.42 20.16 14.22
C SER B 55 -9.91 18.72 14.26
N PHE B 56 -10.30 18.19 13.10
CA PHE B 56 -10.82 16.83 13.02
C PHE B 56 -10.36 16.10 11.77
N SER B 57 -10.54 14.79 11.76
CA SER B 57 -10.11 13.97 10.63
C SER B 57 -11.29 13.44 9.81
N LYS B 58 -11.02 12.49 8.92
CA LYS B 58 -12.02 11.97 8.00
C LYS B 58 -13.31 11.52 8.68
N ASP B 59 -13.18 10.74 9.75
CA ASP B 59 -14.35 10.21 10.45
C ASP B 59 -14.98 11.25 11.39
N TRP B 60 -14.58 12.51 11.22
CA TRP B 60 -15.14 13.63 11.97
C TRP B 60 -14.66 13.74 13.41
N SER B 61 -13.94 12.73 13.89
CA SER B 61 -13.41 12.74 15.25
C SER B 61 -12.37 13.83 15.42
N PHE B 62 -12.40 14.52 16.56
CA PHE B 62 -11.49 15.63 16.83
C PHE B 62 -10.13 15.16 17.32
N TYR B 63 -9.14 16.03 17.19
CA TYR B 63 -7.81 15.77 17.74
C TYR B 63 -7.14 17.06 18.19
N LEU B 64 -6.46 16.98 19.32
CA LEU B 64 -5.75 18.13 19.87
C LEU B 64 -4.35 17.74 20.32
N LEU B 65 -3.43 18.69 20.24
CA LEU B 65 -2.08 18.48 20.75
C LEU B 65 -1.81 19.44 21.90
N TYR B 66 -1.59 18.90 23.08
CA TYR B 66 -1.16 19.71 24.22
C TYR B 66 0.34 19.54 24.38
N TYR B 67 1.03 20.59 24.81
CA TYR B 67 2.48 20.53 24.84
C TYR B 67 3.10 21.47 25.86
N THR B 68 4.32 21.14 26.28
CA THR B 68 5.08 22.01 27.16
C THR B 68 6.57 21.70 27.00
N GLU B 69 7.42 22.53 27.59
CA GLU B 69 8.85 22.26 27.57
C GLU B 69 9.25 21.48 28.82
N PHE B 70 9.95 20.37 28.63
CA PHE B 70 10.41 19.58 29.77
C PHE B 70 11.83 19.06 29.56
N THR B 71 12.53 18.85 30.67
CA THR B 71 13.86 18.23 30.62
C THR B 71 13.86 16.96 31.43
N PRO B 72 13.80 15.80 30.76
CA PRO B 72 13.62 14.50 31.41
C PRO B 72 14.82 14.08 32.24
N ASN B 73 14.55 13.34 33.31
CA ASN B 73 15.61 12.75 34.13
C ASN B 73 15.21 11.35 34.59
N GLU B 74 15.78 10.90 35.70
CA GLU B 74 15.51 9.54 36.18
C GLU B 74 14.55 9.51 37.37
N LYS B 75 14.49 10.60 38.12
CA LYS B 75 13.68 10.63 39.34
C LYS B 75 12.28 11.22 39.13
N ASP B 76 12.12 12.00 38.07
CA ASP B 76 10.84 12.65 37.80
C ASP B 76 9.93 11.81 36.90
N GLU B 77 8.63 11.90 37.16
CA GLU B 77 7.64 11.17 36.39
C GLU B 77 6.67 12.13 35.71
N TYR B 78 6.50 11.98 34.41
CA TYR B 78 5.59 12.84 33.65
C TYR B 78 4.38 12.05 33.14
N ALA B 79 3.22 12.71 33.09
CA ALA B 79 1.99 12.05 32.67
C ALA B 79 1.02 13.00 32.00
N CYS B 80 -0.03 12.43 31.41
CA CYS B 80 -1.08 13.22 30.79
C CYS B 80 -2.45 12.77 31.30
N ARG B 81 -3.23 13.71 31.82
CA ARG B 81 -4.53 13.41 32.38
C ARG B 81 -5.64 13.97 31.50
N VAL B 82 -6.56 13.11 31.10
CA VAL B 82 -7.64 13.49 30.19
C VAL B 82 -9.01 13.28 30.81
N ASN B 83 -9.89 14.26 30.64
CA ASN B 83 -11.27 14.17 31.07
C ASN B 83 -12.23 14.38 29.91
N HIS B 84 -13.17 13.46 29.76
CA HIS B 84 -14.13 13.49 28.67
C HIS B 84 -15.42 12.81 29.10
N VAL B 85 -16.54 13.20 28.48
CA VAL B 85 -17.85 12.65 28.83
C VAL B 85 -17.89 11.13 28.68
N THR B 86 -17.08 10.60 27.78
CA THR B 86 -17.06 9.17 27.51
C THR B 86 -16.15 8.43 28.49
N LEU B 87 -15.50 9.16 29.38
CA LEU B 87 -14.57 8.57 30.33
C LEU B 87 -15.13 8.53 31.75
N SER B 88 -15.11 7.34 32.34
CA SER B 88 -15.53 7.17 33.73
C SER B 88 -14.44 7.69 34.65
N GLY B 89 -14.47 9.00 34.91
CA GLY B 89 -13.42 9.64 35.69
C GLY B 89 -12.23 9.96 34.81
N PRO B 90 -11.25 10.67 35.37
CA PRO B 90 -10.05 11.04 34.61
C PRO B 90 -9.17 9.84 34.30
N ARG B 91 -8.63 9.80 33.08
CA ARG B 91 -7.69 8.75 32.69
C ARG B 91 -6.30 9.35 32.61
N THR B 92 -5.34 8.71 33.27
CA THR B 92 -3.97 9.21 33.30
C THR B 92 -3.00 8.26 32.62
N VAL B 93 -2.27 8.78 31.65
CA VAL B 93 -1.27 7.99 30.93
C VAL B 93 0.13 8.53 31.20
N LYS B 94 0.95 7.72 31.88
CA LYS B 94 2.31 8.11 32.18
C LYS B 94 3.17 8.11 30.91
N TRP B 95 4.11 9.04 30.84
CA TRP B 95 5.05 9.07 29.73
C TRP B 95 6.07 7.93 29.86
N ASP B 96 6.19 7.14 28.80
CA ASP B 96 7.16 6.06 28.76
C ASP B 96 8.17 6.35 27.66
N ARG B 97 9.44 6.49 28.04
CA ARG B 97 10.48 6.85 27.09
C ARG B 97 10.71 5.77 26.03
N ASP B 98 10.07 4.61 26.22
CA ASP B 98 10.15 3.53 25.24
C ASP B 98 9.03 3.65 24.21
N MET B 99 8.13 4.61 24.43
CA MET B 99 6.97 4.79 23.55
C MET B 99 6.80 6.24 23.16
N ILE C 1 -7.33 30.77 0.90
CA ILE C 1 -8.42 31.73 1.02
C ILE C 1 -9.75 31.02 1.24
N ARG C 2 -10.60 31.60 2.09
CA ARG C 2 -11.86 30.97 2.44
C ARG C 2 -12.90 31.14 1.35
N TYR C 3 -13.93 30.30 1.39
CA TYR C 3 -15.04 30.39 0.45
C TYR C 3 -16.00 31.48 0.91
N PRO C 4 -16.25 32.47 0.04
CA PRO C 4 -17.05 33.67 0.35
C PRO C 4 -18.43 33.35 0.90
N LYS C 5 -19.22 32.59 0.15
CA LYS C 5 -20.59 32.30 0.53
C LYS C 5 -20.65 31.10 1.47
N THR C 6 -21.61 31.13 2.40
CA THR C 6 -21.90 29.98 3.25
C THR C 6 -23.34 29.51 3.03
N PHE C 7 -23.49 28.21 2.81
CA PHE C 7 -24.77 27.64 2.45
C PHE C 7 -25.61 27.39 3.70
N GLY C 8 -26.86 27.84 3.69
CA GLY C 8 -27.78 27.57 4.77
C GLY C 8 -28.48 26.23 4.62
N TRP C 9 -28.57 25.48 5.72
CA TRP C 9 -29.22 24.17 5.67
C TRP C 9 -30.72 24.30 5.47
N GLY D 1 17.56 1.01 -7.30
CA GLY D 1 16.14 0.97 -7.02
C GLY D 1 15.67 -0.42 -6.60
N SER D 2 16.54 -1.15 -5.90
CA SER D 2 16.22 -2.49 -5.43
C SER D 2 15.94 -3.45 -6.58
N HIS D 3 16.89 -4.34 -6.85
CA HIS D 3 16.71 -5.32 -7.92
C HIS D 3 16.92 -6.75 -7.40
N SER D 4 16.41 -7.73 -8.14
CA SER D 4 16.47 -9.11 -7.67
C SER D 4 17.03 -10.04 -8.73
N MET D 5 17.76 -11.06 -8.29
CA MET D 5 18.08 -12.18 -9.17
C MET D 5 17.66 -13.49 -8.53
N LYS D 6 16.83 -14.24 -9.22
CA LYS D 6 16.27 -15.47 -8.68
C LYS D 6 16.34 -16.64 -9.65
N TYR D 7 16.75 -17.79 -9.16
CA TYR D 7 16.71 -19.02 -9.93
C TYR D 7 15.64 -19.97 -9.38
N PHE D 8 14.85 -20.51 -10.31
CA PHE D 8 13.76 -21.43 -9.99
C PHE D 8 14.04 -22.80 -10.57
N TYR D 9 14.10 -23.79 -9.70
CA TYR D 9 14.35 -25.17 -10.09
C TYR D 9 13.12 -26.03 -9.81
N THR D 10 12.74 -26.84 -10.79
CA THR D 10 11.66 -27.81 -10.62
C THR D 10 12.11 -29.17 -11.14
N SER D 11 12.06 -30.17 -10.27
CA SER D 11 12.47 -31.52 -10.65
C SER D 11 11.35 -32.51 -10.34
N VAL D 12 10.89 -33.20 -11.38
CA VAL D 12 9.75 -34.09 -11.26
C VAL D 12 10.08 -35.52 -11.69
N SER D 13 9.95 -36.46 -10.77
CA SER D 13 10.23 -37.86 -11.08
C SER D 13 9.09 -38.46 -11.90
N ARG D 14 9.43 -39.34 -12.84
CA ARG D 14 8.44 -39.96 -13.70
C ARG D 14 8.75 -41.44 -13.91
N PRO D 15 8.31 -42.28 -12.96
CA PRO D 15 8.57 -43.73 -12.98
C PRO D 15 8.21 -44.38 -14.31
N GLY D 16 9.12 -45.21 -14.82
CA GLY D 16 8.88 -45.91 -16.07
C GLY D 16 9.08 -45.03 -17.29
N ARG D 17 9.67 -43.86 -17.07
CA ARG D 17 9.90 -42.90 -18.15
C ARG D 17 11.28 -42.25 -18.05
N GLY D 18 12.26 -43.04 -17.63
CA GLY D 18 13.63 -42.56 -17.55
C GLY D 18 13.88 -41.56 -16.45
N GLU D 19 14.94 -40.78 -16.60
CA GLU D 19 15.33 -39.80 -15.59
C GLU D 19 14.23 -38.75 -15.36
N PRO D 20 14.23 -38.13 -14.18
CA PRO D 20 13.28 -37.07 -13.84
C PRO D 20 13.44 -35.83 -14.72
N ARG D 21 12.35 -35.10 -14.91
CA ARG D 21 12.35 -33.85 -15.66
C ARG D 21 12.94 -32.74 -14.81
N PHE D 22 13.92 -32.03 -15.36
CA PHE D 22 14.55 -30.92 -14.65
C PHE D 22 14.43 -29.62 -15.44
N ILE D 23 13.65 -28.69 -14.90
CA ILE D 23 13.46 -27.39 -15.54
C ILE D 23 13.90 -26.26 -14.62
N SER D 24 14.86 -25.47 -15.07
CA SER D 24 15.39 -24.37 -14.27
C SER D 24 15.42 -23.07 -15.06
N VAL D 25 14.96 -21.98 -14.43
CA VAL D 25 14.93 -20.69 -15.10
C VAL D 25 15.53 -19.58 -14.24
N GLY D 26 16.13 -18.60 -14.91
CA GLY D 26 16.73 -17.46 -14.25
C GLY D 26 15.97 -16.18 -14.51
N TYR D 27 15.83 -15.37 -13.46
CA TYR D 27 15.10 -14.12 -13.54
C TYR D 27 15.90 -12.95 -12.95
N VAL D 28 15.91 -11.84 -13.69
CA VAL D 28 16.30 -10.56 -13.13
C VAL D 28 15.02 -9.76 -12.92
N ASP D 29 14.64 -9.61 -11.65
CA ASP D 29 13.36 -8.99 -11.32
C ASP D 29 12.23 -9.80 -11.93
N ASP D 30 11.53 -9.21 -12.90
CA ASP D 30 10.41 -9.89 -13.54
C ASP D 30 10.75 -10.25 -14.99
N THR D 31 12.04 -10.30 -15.31
CA THR D 31 12.47 -10.63 -16.65
C THR D 31 13.33 -11.89 -16.69
N GLN D 32 12.81 -12.93 -17.33
CA GLN D 32 13.56 -14.17 -17.49
C GLN D 32 14.73 -13.94 -18.44
N PHE D 33 15.90 -14.50 -18.12
CA PHE D 33 17.08 -14.31 -18.96
C PHE D 33 17.78 -15.60 -19.34
N VAL D 34 17.60 -16.65 -18.54
CA VAL D 34 18.18 -17.95 -18.86
C VAL D 34 17.23 -19.11 -18.60
N ARG D 35 17.57 -20.27 -19.13
CA ARG D 35 16.72 -21.44 -19.03
C ARG D 35 17.48 -22.72 -19.32
N PHE D 36 17.24 -23.75 -18.52
CA PHE D 36 17.80 -25.08 -18.76
C PHE D 36 16.72 -26.14 -18.62
N ASP D 37 16.54 -26.94 -19.67
CA ASP D 37 15.52 -27.97 -19.67
C ASP D 37 16.11 -29.32 -20.02
N SER D 38 16.03 -30.27 -19.09
CA SER D 38 16.59 -31.60 -19.30
C SER D 38 15.95 -32.29 -20.50
N ASP D 39 14.76 -31.85 -20.88
CA ASP D 39 14.06 -32.44 -22.02
C ASP D 39 14.22 -31.63 -23.30
N ALA D 40 15.09 -30.63 -23.27
CA ALA D 40 15.47 -29.93 -24.50
C ALA D 40 16.25 -30.91 -25.35
N GLU D 41 16.24 -30.72 -26.67
CA GLU D 41 16.89 -31.66 -27.57
C GLU D 41 18.40 -31.74 -27.33
N SER D 42 18.97 -30.63 -26.90
CA SER D 42 20.38 -30.59 -26.48
C SER D 42 20.51 -29.80 -25.19
N PRO D 43 20.18 -30.42 -24.06
CA PRO D 43 20.17 -29.76 -22.74
C PRO D 43 21.39 -28.88 -22.52
N ARG D 44 21.14 -27.59 -22.32
CA ARG D 44 22.19 -26.62 -22.08
C ARG D 44 21.57 -25.31 -21.62
N GLU D 45 22.37 -24.45 -21.01
CA GLU D 45 21.90 -23.14 -20.61
C GLU D 45 21.64 -22.30 -21.86
N GLU D 46 20.40 -21.84 -22.01
CA GLU D 46 20.02 -21.03 -23.17
C GLU D 46 19.63 -19.62 -22.75
N PRO D 47 19.98 -18.62 -23.58
CA PRO D 47 19.57 -17.24 -23.34
C PRO D 47 18.10 -17.02 -23.63
N ARG D 48 17.46 -16.18 -22.83
CA ARG D 48 16.06 -15.86 -23.01
C ARG D 48 15.85 -14.35 -23.00
N ALA D 49 16.94 -13.61 -22.83
CA ALA D 49 16.91 -12.16 -22.90
C ALA D 49 18.03 -11.69 -23.81
N PRO D 50 17.72 -10.69 -24.66
CA PRO D 50 18.70 -10.19 -25.65
C PRO D 50 19.99 -9.70 -25.00
N TRP D 51 19.91 -9.19 -23.78
CA TRP D 51 21.07 -8.56 -23.14
C TRP D 51 22.04 -9.55 -22.48
N VAL D 52 21.66 -10.82 -22.42
CA VAL D 52 22.55 -11.84 -21.86
C VAL D 52 23.20 -12.65 -22.98
N GLU D 53 22.71 -12.44 -24.19
CA GLU D 53 23.20 -13.18 -25.34
C GLU D 53 24.65 -12.82 -25.66
N GLN D 54 25.10 -11.66 -25.18
CA GLN D 54 26.44 -11.17 -25.47
C GLN D 54 27.51 -11.92 -24.68
N GLU D 55 27.09 -12.70 -23.69
CA GLU D 55 28.03 -13.46 -22.88
C GLU D 55 28.74 -14.51 -23.72
N GLY D 56 30.06 -14.62 -23.52
CA GLY D 56 30.87 -15.54 -24.29
C GLY D 56 30.65 -17.00 -23.93
N PRO D 57 31.22 -17.91 -24.73
CA PRO D 57 31.09 -19.36 -24.56
C PRO D 57 31.34 -19.83 -23.13
N GLU D 58 32.35 -19.26 -22.49
CA GLU D 58 32.70 -19.65 -21.13
C GLU D 58 31.50 -19.59 -20.19
N TYR D 59 30.71 -18.53 -20.32
CA TYR D 59 29.54 -18.33 -19.49
C TYR D 59 28.54 -19.46 -19.64
N TRP D 60 28.28 -19.85 -20.88
CA TRP D 60 27.28 -20.88 -21.17
C TRP D 60 27.77 -22.28 -20.82
N GLU D 61 29.08 -22.49 -20.94
CA GLU D 61 29.67 -23.77 -20.56
C GLU D 61 29.60 -23.95 -19.04
N GLU D 62 30.05 -22.93 -18.32
CA GLU D 62 30.01 -22.96 -16.86
C GLU D 62 28.57 -23.08 -16.36
N ALA D 63 27.67 -22.30 -16.96
CA ALA D 63 26.27 -22.31 -16.57
C ALA D 63 25.63 -23.68 -16.82
N THR D 64 25.90 -24.25 -17.98
CA THR D 64 25.40 -25.59 -18.30
C THR D 64 25.91 -26.59 -17.27
N ARG D 65 27.19 -26.49 -16.96
CA ARG D 65 27.82 -27.38 -15.98
C ARG D 65 27.09 -27.30 -14.63
N ARG D 66 26.90 -26.08 -14.14
CA ARG D 66 26.23 -25.87 -12.86
C ARG D 66 24.79 -26.37 -12.88
N ALA D 67 24.11 -26.15 -14.00
CA ALA D 67 22.74 -26.61 -14.16
C ALA D 67 22.66 -28.13 -14.05
N LYS D 68 23.54 -28.82 -14.78
CA LYS D 68 23.56 -30.29 -14.75
C LYS D 68 23.91 -30.82 -13.36
N GLU D 69 24.87 -30.17 -12.71
CA GLU D 69 25.19 -30.49 -11.32
C GLU D 69 23.91 -30.45 -10.49
N ALA D 70 23.20 -29.33 -10.58
CA ALA D 70 21.96 -29.13 -9.85
C ALA D 70 20.96 -30.25 -10.13
N ALA D 71 20.79 -30.59 -11.41
CA ALA D 71 19.86 -31.64 -11.80
C ALA D 71 20.21 -32.97 -11.13
N GLN D 72 21.47 -33.38 -11.25
CA GLN D 72 21.91 -34.63 -10.64
C GLN D 72 21.63 -34.63 -9.14
N THR D 73 22.10 -33.59 -8.46
CA THR D 73 21.87 -33.49 -7.02
C THR D 73 20.38 -33.53 -6.69
N HIS D 74 19.55 -33.06 -7.61
CA HIS D 74 18.11 -33.07 -7.42
C HIS D 74 17.53 -34.48 -7.55
N ARG D 75 18.08 -35.27 -8.47
CA ARG D 75 17.73 -36.68 -8.56
C ARG D 75 18.08 -37.38 -7.24
N GLU D 76 19.30 -37.15 -6.78
CA GLU D 76 19.75 -37.72 -5.51
C GLU D 76 18.83 -37.32 -4.35
N ASN D 77 18.46 -36.04 -4.30
CA ASN D 77 17.55 -35.55 -3.28
C ASN D 77 16.19 -36.20 -3.41
N LEU D 78 15.84 -36.56 -4.64
CA LEU D 78 14.58 -37.23 -4.91
C LEU D 78 14.59 -38.61 -4.25
N ARG D 79 15.62 -39.40 -4.53
CA ARG D 79 15.74 -40.72 -3.90
C ARG D 79 15.76 -40.59 -2.37
N THR D 80 16.61 -39.70 -1.88
CA THR D 80 16.71 -39.42 -0.45
C THR D 80 15.34 -39.13 0.17
N ALA D 81 14.53 -38.37 -0.56
CA ALA D 81 13.18 -38.03 -0.11
C ALA D 81 12.30 -39.28 -0.08
N LEU D 82 12.36 -40.06 -1.16
CA LEU D 82 11.67 -41.34 -1.19
C LEU D 82 11.97 -42.14 0.06
N ARG D 83 13.16 -41.96 0.60
CA ARG D 83 13.61 -42.72 1.77
C ARG D 83 13.13 -42.12 3.09
N TYR D 84 13.26 -40.80 3.20
CA TYR D 84 12.81 -40.08 4.39
C TYR D 84 11.33 -40.34 4.67
N TYR D 85 10.51 -40.15 3.65
CA TYR D 85 9.07 -40.29 3.81
C TYR D 85 8.59 -41.72 3.62
N ASN D 86 9.51 -42.63 3.30
CA ASN D 86 9.15 -44.03 3.07
C ASN D 86 8.10 -44.17 1.98
N GLN D 87 8.46 -43.81 0.76
CA GLN D 87 7.52 -43.81 -0.36
C GLN D 87 7.98 -44.74 -1.49
N SER D 88 7.02 -45.16 -2.32
CA SER D 88 7.31 -46.04 -3.44
C SER D 88 8.06 -45.31 -4.55
N GLU D 89 8.79 -46.09 -5.36
CA GLU D 89 9.51 -45.52 -6.50
C GLU D 89 8.62 -45.44 -7.72
N ALA D 90 7.41 -46.00 -7.60
CA ALA D 90 6.46 -46.01 -8.71
C ALA D 90 5.56 -44.77 -8.68
N GLY D 91 5.73 -43.96 -7.64
CA GLY D 91 4.97 -42.73 -7.52
C GLY D 91 5.77 -41.53 -7.98
N SER D 92 5.09 -40.56 -8.57
CA SER D 92 5.73 -39.34 -9.05
C SER D 92 5.85 -38.31 -7.93
N HIS D 93 6.96 -37.59 -7.91
CA HIS D 93 7.20 -36.59 -6.87
C HIS D 93 7.90 -35.35 -7.42
N THR D 94 7.77 -34.24 -6.70
CA THR D 94 8.28 -32.96 -7.16
C THR D 94 9.11 -32.25 -6.11
N ILE D 95 10.29 -31.80 -6.51
CA ILE D 95 11.10 -30.93 -5.67
C ILE D 95 11.24 -29.57 -6.33
N GLN D 96 10.93 -28.52 -5.57
CA GLN D 96 11.09 -27.17 -6.08
C GLN D 96 12.09 -26.42 -5.22
N LYS D 97 12.85 -25.52 -5.87
CA LYS D 97 13.88 -24.76 -5.17
C LYS D 97 14.06 -23.38 -5.76
N MET D 98 13.82 -22.35 -4.96
CA MET D 98 14.07 -21.00 -5.41
C MET D 98 15.20 -20.40 -4.59
N TYR D 99 16.16 -19.76 -5.25
CA TYR D 99 17.21 -19.07 -4.52
C TYR D 99 17.67 -17.82 -5.26
N GLY D 100 17.98 -16.76 -4.53
CA GLY D 100 18.38 -15.52 -5.17
C GLY D 100 18.82 -14.44 -4.22
N CYS D 101 19.21 -13.30 -4.78
CA CYS D 101 19.69 -12.19 -3.97
C CYS D 101 19.03 -10.88 -4.34
N ASP D 102 18.96 -9.98 -3.36
CA ASP D 102 18.43 -8.64 -3.55
C ASP D 102 19.53 -7.60 -3.42
N LEU D 103 19.70 -6.81 -4.47
CA LEU D 103 20.64 -5.71 -4.47
C LEU D 103 19.92 -4.41 -4.11
N GLY D 104 20.37 -3.78 -3.04
CA GLY D 104 19.81 -2.51 -2.59
C GLY D 104 20.49 -1.33 -3.26
N PRO D 105 20.11 -0.12 -2.86
CA PRO D 105 20.65 1.12 -3.45
C PRO D 105 22.09 1.37 -3.03
N ASP D 106 22.46 0.86 -1.85
CA ASP D 106 23.81 1.04 -1.32
C ASP D 106 24.81 0.08 -1.96
N GLY D 107 24.32 -0.80 -2.84
CA GLY D 107 25.17 -1.73 -3.54
C GLY D 107 25.52 -2.96 -2.74
N ARG D 108 24.85 -3.12 -1.59
CA ARG D 108 25.09 -4.26 -0.72
C ARG D 108 23.86 -5.17 -0.65
N LEU D 109 24.07 -6.38 -0.12
CA LEU D 109 23.00 -7.36 -0.04
C LEU D 109 21.83 -6.86 0.80
N LEU D 110 20.64 -6.87 0.20
CA LEU D 110 19.45 -6.41 0.90
C LEU D 110 18.69 -7.58 1.53
N ARG D 111 18.61 -8.68 0.79
CA ARG D 111 17.90 -9.87 1.25
C ARG D 111 18.37 -11.11 0.51
N GLY D 112 18.33 -12.25 1.19
CA GLY D 112 18.73 -13.51 0.59
C GLY D 112 17.58 -14.49 0.47
N TYR D 113 17.68 -15.40 -0.48
CA TYR D 113 16.65 -16.41 -0.70
C TYR D 113 17.26 -17.78 -0.98
N HIS D 114 16.81 -18.77 -0.22
CA HIS D 114 17.17 -20.17 -0.48
C HIS D 114 16.13 -21.08 0.15
N GLN D 115 15.12 -21.44 -0.61
CA GLN D 115 14.00 -22.23 -0.09
C GLN D 115 13.63 -23.39 -1.01
N SER D 116 13.14 -24.47 -0.40
CA SER D 116 12.81 -25.70 -1.11
C SER D 116 11.53 -26.31 -0.59
N ALA D 117 10.71 -26.78 -1.53
CA ALA D 117 9.47 -27.47 -1.22
C ALA D 117 9.48 -28.89 -1.81
N TYR D 118 8.76 -29.79 -1.14
CA TYR D 118 8.59 -31.16 -1.60
C TYR D 118 7.11 -31.46 -1.81
N ASP D 119 6.74 -31.73 -3.06
CA ASP D 119 5.36 -32.02 -3.41
C ASP D 119 4.41 -30.89 -3.03
N GLY D 120 4.82 -29.65 -3.33
CA GLY D 120 3.96 -28.49 -3.14
C GLY D 120 4.00 -27.89 -1.76
N LYS D 121 4.58 -28.61 -0.80
CA LYS D 121 4.64 -28.13 0.58
C LYS D 121 6.05 -27.71 0.95
N ASP D 122 6.15 -26.68 1.78
CA ASP D 122 7.44 -26.23 2.28
C ASP D 122 8.26 -27.41 2.77
N TYR D 123 9.54 -27.40 2.47
CA TYR D 123 10.45 -28.43 2.99
C TYR D 123 11.50 -27.79 3.89
N ILE D 124 12.38 -26.98 3.32
CA ILE D 124 13.39 -26.29 4.14
C ILE D 124 13.77 -24.93 3.55
N ALA D 125 13.94 -23.94 4.41
CA ALA D 125 14.21 -22.59 3.92
C ALA D 125 15.21 -21.83 4.77
N LEU D 126 16.05 -21.04 4.11
CA LEU D 126 16.99 -20.18 4.82
C LEU D 126 16.25 -19.02 5.45
N ASN D 127 16.52 -18.78 6.74
CA ASN D 127 15.86 -17.70 7.47
C ASN D 127 16.40 -16.32 7.11
N GLY D 128 15.72 -15.29 7.58
CA GLY D 128 16.10 -13.92 7.29
C GLY D 128 17.44 -13.52 7.86
N ASP D 129 17.95 -14.30 8.81
CA ASP D 129 19.25 -14.01 9.41
C ASP D 129 20.40 -14.58 8.58
N LEU D 130 20.05 -15.34 7.55
CA LEU D 130 21.04 -15.94 6.65
C LEU D 130 22.01 -16.87 7.38
N ARG D 131 21.59 -17.36 8.55
CA ARG D 131 22.42 -18.28 9.32
C ARG D 131 21.69 -19.55 9.71
N SER D 132 20.39 -19.43 9.97
CA SER D 132 19.61 -20.55 10.45
C SER D 132 18.63 -21.06 9.40
N TRP D 133 18.26 -22.34 9.53
CA TRP D 133 17.31 -22.95 8.61
C TRP D 133 15.98 -23.23 9.31
N THR D 134 14.91 -23.25 8.53
CA THR D 134 13.60 -23.68 9.02
C THR D 134 13.16 -24.93 8.27
N ALA D 135 12.94 -26.00 9.01
CA ALA D 135 12.45 -27.26 8.46
C ALA D 135 10.97 -27.41 8.73
N ALA D 136 10.23 -27.85 7.72
CA ALA D 136 8.78 -27.94 7.82
C ALA D 136 8.32 -29.15 8.64
N ASP D 137 8.93 -30.30 8.38
CA ASP D 137 8.54 -31.51 9.07
C ASP D 137 9.74 -32.31 9.60
N MET D 138 9.49 -33.55 9.99
CA MET D 138 10.50 -34.42 10.57
C MET D 138 11.63 -34.68 9.59
N ALA D 139 11.27 -35.05 8.37
CA ALA D 139 12.25 -35.41 7.34
C ALA D 139 13.20 -34.25 7.06
N ALA D 140 12.65 -33.03 6.97
CA ALA D 140 13.44 -31.86 6.64
C ALA D 140 14.47 -31.54 7.73
N GLN D 141 14.24 -32.06 8.93
CA GLN D 141 15.17 -31.83 10.03
C GLN D 141 16.47 -32.60 9.82
N ASN D 142 16.38 -33.75 9.19
CA ASN D 142 17.57 -34.50 8.81
C ASN D 142 18.43 -33.65 7.91
N THR D 143 17.80 -33.06 6.91
CA THR D 143 18.48 -32.18 5.96
C THR D 143 19.06 -30.97 6.67
N GLN D 144 18.31 -30.41 7.61
CA GLN D 144 18.77 -29.26 8.37
C GLN D 144 20.05 -29.59 9.12
N ARG D 145 20.05 -30.73 9.81
CA ARG D 145 21.24 -31.19 10.52
C ARG D 145 22.41 -31.42 9.56
N LYS D 146 22.14 -31.99 8.39
CA LYS D 146 23.18 -32.19 7.39
C LYS D 146 23.82 -30.86 6.99
N TRP D 147 22.97 -29.88 6.67
CA TRP D 147 23.43 -28.59 6.20
C TRP D 147 24.14 -27.78 7.27
N GLU D 148 23.74 -27.96 8.52
CA GLU D 148 24.42 -27.33 9.63
C GLU D 148 25.79 -27.99 9.85
N GLY D 149 25.82 -29.30 9.63
CA GLY D 149 27.04 -30.07 9.79
C GLY D 149 28.17 -29.64 8.87
N ASN D 150 27.83 -29.25 7.65
CA ASN D 150 28.85 -28.83 6.68
C ASN D 150 28.77 -27.37 6.29
N ARG D 151 28.20 -26.56 7.17
CA ARG D 151 28.20 -25.11 7.03
C ARG D 151 27.73 -24.64 5.66
N TYR D 152 26.57 -25.09 5.23
CA TYR D 152 26.06 -24.67 3.93
C TYR D 152 25.57 -23.23 3.93
N ALA D 153 24.91 -22.83 5.01
CA ALA D 153 24.42 -21.47 5.15
C ALA D 153 25.53 -20.45 4.94
N GLU D 154 26.69 -20.72 5.54
CA GLU D 154 27.84 -19.84 5.42
C GLU D 154 28.30 -19.70 3.97
N ARG D 155 28.50 -20.82 3.30
CA ARG D 155 28.98 -20.84 1.92
C ARG D 155 27.99 -20.12 0.99
N PHE D 156 26.72 -20.47 1.10
CA PHE D 156 25.70 -19.84 0.27
C PHE D 156 25.66 -18.34 0.54
N ARG D 157 25.82 -17.96 1.80
CA ARG D 157 25.89 -16.56 2.17
C ARG D 157 27.07 -15.88 1.47
N ALA D 158 28.16 -16.63 1.32
CA ALA D 158 29.32 -16.12 0.60
C ALA D 158 28.97 -15.89 -0.87
N TYR D 159 28.21 -16.81 -1.45
CA TYR D 159 27.73 -16.66 -2.82
C TYR D 159 26.83 -15.43 -2.97
N LEU D 160 25.98 -15.21 -1.98
CA LEU D 160 25.05 -14.09 -1.98
C LEU D 160 25.77 -12.76 -2.05
N GLU D 161 26.75 -12.58 -1.17
CA GLU D 161 27.47 -11.31 -1.08
C GLU D 161 28.59 -11.23 -2.12
N GLY D 162 28.77 -12.30 -2.88
CA GLY D 162 29.81 -12.35 -3.88
C GLY D 162 29.29 -12.41 -5.30
N GLU D 163 29.48 -13.57 -5.95
CA GLU D 163 29.06 -13.77 -7.33
C GLU D 163 27.67 -13.23 -7.64
N CYS D 164 26.71 -13.54 -6.76
CA CYS D 164 25.32 -13.18 -6.98
C CYS D 164 25.17 -11.68 -7.25
N LEU D 165 25.69 -10.87 -6.33
CA LEU D 165 25.61 -9.42 -6.45
C LEU D 165 26.39 -8.89 -7.65
N GLU D 166 27.62 -9.39 -7.83
CA GLU D 166 28.46 -8.94 -8.93
C GLU D 166 27.76 -9.13 -10.26
N TRP D 167 27.31 -10.35 -10.51
CA TRP D 167 26.64 -10.68 -11.77
C TRP D 167 25.28 -10.01 -11.90
N LEU D 168 24.59 -9.80 -10.79
CA LEU D 168 23.35 -9.04 -10.82
C LEU D 168 23.62 -7.64 -11.35
N ARG D 169 24.65 -7.00 -10.80
CA ARG D 169 25.06 -5.68 -11.25
C ARG D 169 25.45 -5.69 -12.73
N ARG D 170 26.17 -6.73 -13.14
CA ARG D 170 26.59 -6.87 -14.54
C ARG D 170 25.36 -6.93 -15.47
N TYR D 171 24.40 -7.77 -15.13
CA TYR D 171 23.18 -7.90 -15.92
C TYR D 171 22.44 -6.57 -15.98
N LEU D 172 22.33 -5.92 -14.82
CA LEU D 172 21.65 -4.63 -14.72
C LEU D 172 22.30 -3.60 -15.62
N GLU D 173 23.63 -3.65 -15.73
CA GLU D 173 24.36 -2.70 -16.56
C GLU D 173 24.17 -3.00 -18.04
N ASN D 174 24.29 -4.28 -18.41
CA ASN D 174 24.16 -4.68 -19.80
C ASN D 174 22.76 -4.48 -20.38
N GLY D 175 21.74 -4.75 -19.56
CA GLY D 175 20.37 -4.62 -20.00
C GLY D 175 19.65 -3.44 -19.36
N LYS D 176 20.37 -2.33 -19.23
CA LYS D 176 19.82 -1.14 -18.57
C LYS D 176 18.50 -0.70 -19.19
N GLU D 177 18.45 -0.70 -20.53
CA GLU D 177 17.30 -0.19 -21.25
C GLU D 177 15.99 -0.89 -20.88
N THR D 178 16.07 -2.19 -20.61
CA THR D 178 14.88 -2.99 -20.36
C THR D 178 14.72 -3.44 -18.91
N LEU D 179 15.81 -3.38 -18.15
CA LEU D 179 15.77 -3.81 -16.75
C LEU D 179 15.59 -2.64 -15.80
N GLN D 180 16.27 -1.52 -16.07
CA GLN D 180 16.18 -0.36 -15.20
C GLN D 180 15.11 0.62 -15.65
N ARG D 181 14.28 0.20 -16.60
CA ARG D 181 13.19 1.02 -17.08
C ARG D 181 11.97 0.87 -16.18
N ALA D 182 10.98 1.72 -16.40
CA ALA D 182 9.73 1.64 -15.65
C ALA D 182 8.57 2.13 -16.51
N ASP D 183 8.13 1.27 -17.43
CA ASP D 183 7.02 1.60 -18.32
C ASP D 183 5.70 1.67 -17.55
N PRO D 184 5.06 2.85 -17.58
CA PRO D 184 3.78 3.05 -16.89
C PRO D 184 2.65 2.29 -17.58
N PRO D 185 1.60 1.95 -16.83
CA PRO D 185 0.47 1.21 -17.39
C PRO D 185 -0.44 2.09 -18.25
N LYS D 186 -0.83 1.58 -19.41
CA LYS D 186 -1.86 2.21 -20.23
C LYS D 186 -3.21 1.81 -19.65
N THR D 187 -3.88 2.77 -19.02
CA THR D 187 -5.12 2.48 -18.31
C THR D 187 -6.36 3.00 -19.03
N HIS D 188 -7.49 2.35 -18.79
CA HIS D 188 -8.77 2.80 -19.33
C HIS D 188 -9.93 2.04 -18.71
N VAL D 189 -11.04 2.73 -18.48
CA VAL D 189 -12.20 2.12 -17.84
C VAL D 189 -13.31 1.79 -18.84
N THR D 190 -13.87 0.59 -18.73
CA THR D 190 -14.93 0.14 -19.61
C THR D 190 -16.22 -0.16 -18.84
N HIS D 191 -17.34 -0.13 -19.57
CA HIS D 191 -18.66 -0.28 -18.97
C HIS D 191 -19.41 -1.44 -19.63
N HIS D 192 -19.81 -2.42 -18.83
CA HIS D 192 -20.46 -3.62 -19.35
C HIS D 192 -21.71 -3.97 -18.57
N PRO D 193 -22.88 -3.59 -19.08
CA PRO D 193 -24.18 -3.83 -18.43
C PRO D 193 -24.37 -5.28 -18.02
N VAL D 194 -24.74 -5.49 -16.75
CA VAL D 194 -25.07 -6.83 -16.27
C VAL D 194 -26.54 -7.11 -16.54
N SER D 195 -27.37 -6.07 -16.44
CA SER D 195 -28.79 -6.16 -16.70
C SER D 195 -29.32 -4.78 -17.08
N ASP D 196 -30.42 -4.38 -16.47
CA ASP D 196 -30.95 -3.03 -16.65
C ASP D 196 -30.83 -2.22 -15.37
N HIS D 197 -30.42 -2.87 -14.29
CA HIS D 197 -30.32 -2.19 -13.01
C HIS D 197 -28.89 -2.18 -12.47
N GLU D 198 -28.02 -2.98 -13.09
CA GLU D 198 -26.62 -3.04 -12.69
C GLU D 198 -25.68 -3.10 -13.88
N ALA D 199 -24.49 -2.55 -13.71
CA ALA D 199 -23.47 -2.55 -14.76
C ALA D 199 -22.08 -2.72 -14.17
N THR D 200 -21.23 -3.44 -14.89
CA THR D 200 -19.87 -3.68 -14.42
C THR D 200 -18.92 -2.59 -14.91
N LEU D 201 -18.13 -2.04 -13.98
CA LEU D 201 -17.08 -1.10 -14.34
C LEU D 201 -15.74 -1.79 -14.26
N ARG D 202 -15.03 -1.84 -15.38
CA ARG D 202 -13.75 -2.55 -15.41
C ARG D 202 -12.57 -1.62 -15.68
N CYS D 203 -11.66 -1.56 -14.72
CA CYS D 203 -10.46 -0.72 -14.84
C CYS D 203 -9.30 -1.52 -15.41
N TRP D 204 -8.78 -1.05 -16.54
CA TRP D 204 -7.73 -1.76 -17.27
C TRP D 204 -6.38 -1.08 -17.15
N ALA D 205 -5.36 -1.89 -16.86
CA ALA D 205 -3.98 -1.45 -16.86
C ALA D 205 -3.15 -2.42 -17.70
N LEU D 206 -2.64 -1.92 -18.83
CA LEU D 206 -1.98 -2.79 -19.80
C LEU D 206 -0.56 -2.34 -20.14
N GLY D 207 0.32 -3.31 -20.35
CA GLY D 207 1.66 -3.05 -20.87
C GLY D 207 2.59 -2.31 -19.93
N PHE D 208 2.57 -2.69 -18.65
CA PHE D 208 3.42 -2.03 -17.66
C PHE D 208 4.53 -2.94 -17.15
N TYR D 209 5.57 -2.33 -16.58
CA TYR D 209 6.70 -3.07 -16.03
C TYR D 209 7.42 -2.21 -14.98
N PRO D 210 7.83 -2.81 -13.86
CA PRO D 210 7.67 -4.24 -13.55
C PRO D 210 6.23 -4.63 -13.23
N ALA D 211 6.04 -5.87 -12.77
CA ALA D 211 4.70 -6.39 -12.51
C ALA D 211 4.06 -5.76 -11.29
N GLU D 212 4.87 -5.22 -10.39
CA GLU D 212 4.37 -4.57 -9.18
C GLU D 212 3.41 -3.43 -9.53
N ILE D 213 2.20 -3.50 -9.00
CA ILE D 213 1.19 -2.49 -9.25
C ILE D 213 0.04 -2.66 -8.27
N THR D 214 -0.66 -1.57 -7.97
CA THR D 214 -1.84 -1.67 -7.11
C THR D 214 -3.06 -1.03 -7.76
N LEU D 215 -4.18 -1.77 -7.73
CA LEU D 215 -5.40 -1.35 -8.38
C LEU D 215 -6.55 -1.37 -7.38
N THR D 216 -7.30 -0.27 -7.31
CA THR D 216 -8.39 -0.19 -6.34
C THR D 216 -9.61 0.56 -6.87
N TRP D 217 -10.76 0.33 -6.24
CA TRP D 217 -11.99 1.06 -6.55
C TRP D 217 -12.47 1.83 -5.32
N GLN D 218 -13.00 3.03 -5.55
CA GLN D 218 -13.50 3.86 -4.45
C GLN D 218 -14.83 4.52 -4.77
N ARG D 219 -15.84 4.23 -3.94
CA ARG D 219 -17.13 4.90 -4.05
C ARG D 219 -17.15 6.12 -3.14
N ASP D 220 -17.17 7.30 -3.75
CA ASP D 220 -17.17 8.56 -3.02
C ASP D 220 -15.87 8.78 -2.26
N GLY D 221 -14.79 8.19 -2.77
CA GLY D 221 -13.47 8.40 -2.21
C GLY D 221 -13.03 7.37 -1.19
N GLU D 222 -13.87 6.39 -0.91
CA GLU D 222 -13.52 5.33 0.04
C GLU D 222 -13.44 3.94 -0.60
N GLU D 223 -12.42 3.20 -0.21
CA GLU D 223 -12.11 1.88 -0.77
C GLU D 223 -13.27 0.90 -0.60
N GLN D 224 -13.62 0.23 -1.70
CA GLN D 224 -14.69 -0.75 -1.67
C GLN D 224 -14.19 -2.15 -2.01
N THR D 225 -14.63 -3.14 -1.24
CA THR D 225 -14.24 -4.51 -1.46
C THR D 225 -15.44 -5.34 -1.91
N GLN D 226 -16.62 -4.94 -1.45
CA GLN D 226 -17.85 -5.64 -1.80
C GLN D 226 -18.13 -5.56 -3.30
N ASP D 227 -18.58 -6.67 -3.87
CA ASP D 227 -18.99 -6.72 -5.27
C ASP D 227 -17.88 -6.32 -6.24
N THR D 228 -16.63 -6.61 -5.88
CA THR D 228 -15.50 -6.32 -6.77
C THR D 228 -14.77 -7.59 -7.16
N GLU D 229 -14.00 -7.52 -8.24
CA GLU D 229 -13.22 -8.65 -8.71
C GLU D 229 -11.89 -8.20 -9.30
N PHE D 230 -10.80 -8.58 -8.64
CA PHE D 230 -9.47 -8.27 -9.12
C PHE D 230 -8.79 -9.54 -9.62
N VAL D 231 -8.41 -9.55 -10.89
CA VAL D 231 -7.73 -10.70 -11.47
C VAL D 231 -6.23 -10.65 -11.24
N GLU D 232 -5.60 -11.82 -11.22
CA GLU D 232 -4.16 -11.92 -11.02
C GLU D 232 -3.41 -11.21 -12.14
N THR D 233 -2.30 -10.59 -11.80
CA THR D 233 -1.46 -9.93 -12.79
C THR D 233 -0.96 -10.93 -13.81
N ARG D 234 -1.21 -10.65 -15.09
CA ARG D 234 -0.91 -11.59 -16.16
C ARG D 234 0.09 -11.00 -17.15
N PRO D 235 0.96 -11.84 -17.71
CA PRO D 235 1.97 -11.39 -18.67
C PRO D 235 1.37 -11.10 -20.04
N GLY D 236 1.95 -10.17 -20.78
CA GLY D 236 1.46 -9.83 -22.09
C GLY D 236 2.06 -10.71 -23.18
N GLY D 237 3.14 -11.40 -22.84
CA GLY D 237 3.82 -12.26 -23.79
C GLY D 237 4.94 -11.53 -24.51
N ASP D 238 5.07 -10.23 -24.23
CA ASP D 238 6.08 -9.41 -24.87
C ASP D 238 6.99 -8.75 -23.83
N GLY D 239 6.95 -9.27 -22.61
CA GLY D 239 7.77 -8.75 -21.53
C GLY D 239 7.03 -7.78 -20.63
N THR D 240 5.79 -7.48 -20.98
CA THR D 240 4.96 -6.57 -20.19
C THR D 240 3.95 -7.34 -19.35
N PHE D 241 3.18 -6.60 -18.54
CA PHE D 241 2.16 -7.22 -17.70
C PHE D 241 0.82 -6.49 -17.81
N GLN D 242 -0.24 -7.17 -17.40
CA GLN D 242 -1.59 -6.61 -17.47
C GLN D 242 -2.33 -6.89 -16.18
N LYS D 243 -3.36 -6.10 -15.91
CA LYS D 243 -4.21 -6.30 -14.74
C LYS D 243 -5.46 -5.45 -14.85
N TRP D 244 -6.61 -6.02 -14.50
CA TRP D 244 -7.83 -5.23 -14.43
C TRP D 244 -8.63 -5.50 -13.16
N GLY D 245 -9.43 -4.52 -12.76
CA GLY D 245 -10.26 -4.66 -11.57
C GLY D 245 -11.67 -4.20 -11.85
N ALA D 246 -12.64 -5.05 -11.56
CA ALA D 246 -14.04 -4.74 -11.86
C ALA D 246 -14.87 -4.50 -10.61
N VAL D 247 -15.96 -3.76 -10.77
CA VAL D 247 -16.90 -3.55 -9.68
C VAL D 247 -18.33 -3.41 -10.23
N VAL D 248 -19.25 -4.18 -9.65
CA VAL D 248 -20.65 -4.13 -10.06
C VAL D 248 -21.34 -2.94 -9.41
N VAL D 249 -21.93 -2.09 -10.22
CA VAL D 249 -22.49 -0.81 -9.75
C VAL D 249 -23.94 -0.65 -10.17
N PRO D 250 -24.77 -0.13 -9.24
CA PRO D 250 -26.17 0.18 -9.56
C PRO D 250 -26.23 1.20 -10.69
N SER D 251 -27.04 0.92 -11.71
CA SER D 251 -27.18 1.83 -12.84
C SER D 251 -27.56 3.23 -12.37
N GLY D 252 -26.75 4.22 -12.75
CA GLY D 252 -27.00 5.60 -12.37
C GLY D 252 -26.03 6.11 -11.32
N GLU D 253 -25.24 5.21 -10.75
CA GLU D 253 -24.25 5.59 -9.74
C GLU D 253 -22.83 5.36 -10.23
N GLU D 254 -22.67 5.24 -11.54
CA GLU D 254 -21.35 5.02 -12.13
C GLU D 254 -20.36 6.12 -11.76
N GLN D 255 -20.84 7.36 -11.74
CA GLN D 255 -19.99 8.51 -11.48
C GLN D 255 -19.57 8.65 -10.02
N ARG D 256 -20.00 7.69 -9.21
CA ARG D 256 -19.64 7.69 -7.79
C ARG D 256 -18.38 6.85 -7.55
N TYR D 257 -17.97 6.12 -8.58
CA TYR D 257 -16.83 5.21 -8.46
C TYR D 257 -15.60 5.70 -9.22
N THR D 258 -14.44 5.60 -8.57
CA THR D 258 -13.18 5.99 -9.18
C THR D 258 -12.14 4.88 -9.06
N CYS D 259 -11.33 4.71 -10.09
CA CYS D 259 -10.31 3.67 -10.12
C CYS D 259 -8.93 4.26 -9.82
N HIS D 260 -8.28 3.75 -8.79
CA HIS D 260 -6.96 4.25 -8.41
C HIS D 260 -5.86 3.24 -8.74
N VAL D 261 -4.89 3.70 -9.54
CA VAL D 261 -3.81 2.86 -10.02
C VAL D 261 -2.47 3.41 -9.59
N GLN D 262 -1.67 2.58 -8.91
CA GLN D 262 -0.33 3.00 -8.51
C GLN D 262 0.74 2.07 -9.08
N HIS D 263 1.68 2.66 -9.79
CA HIS D 263 2.77 1.94 -10.44
C HIS D 263 4.00 2.83 -10.49
N GLU D 264 5.18 2.25 -10.27
CA GLU D 264 6.41 3.03 -10.17
C GLU D 264 6.79 3.72 -11.47
N GLY D 265 6.06 3.41 -12.54
CA GLY D 265 6.28 4.05 -13.83
C GLY D 265 5.45 5.30 -13.99
N LEU D 266 4.55 5.52 -13.03
CA LEU D 266 3.68 6.69 -13.05
C LEU D 266 4.25 7.81 -12.18
N PRO D 267 4.45 8.99 -12.78
CA PRO D 267 4.89 10.17 -12.01
C PRO D 267 3.93 10.43 -10.86
N GLU D 268 2.63 10.33 -11.15
CA GLU D 268 1.60 10.54 -10.14
C GLU D 268 0.59 9.40 -10.18
N PRO D 269 0.07 9.00 -9.01
CA PRO D 269 -0.98 7.97 -8.96
C PRO D 269 -2.19 8.42 -9.77
N LEU D 270 -2.81 7.50 -10.49
CA LEU D 270 -3.89 7.85 -11.39
C LEU D 270 -5.28 7.71 -10.76
N THR D 271 -6.18 8.59 -11.16
CA THR D 271 -7.58 8.53 -10.77
C THR D 271 -8.46 8.51 -12.02
N LEU D 272 -9.13 7.38 -12.25
CA LEU D 272 -9.91 7.19 -13.47
C LEU D 272 -11.41 7.14 -13.21
N ARG D 273 -12.18 7.62 -14.18
CA ARG D 273 -13.64 7.56 -14.11
C ARG D 273 -14.20 6.99 -15.41
N TRP D 274 -15.44 6.51 -15.34
CA TRP D 274 -16.12 6.00 -16.53
C TRP D 274 -16.35 7.13 -17.54
N GLU D 275 -15.52 7.16 -18.58
CA GLU D 275 -15.61 8.18 -19.62
C GLU D 275 -16.26 7.61 -20.88
N PRO D 276 -17.57 7.85 -21.05
CA PRO D 276 -18.27 7.36 -22.24
C PRO D 276 -17.90 8.17 -23.47
N ILE E 1 0.18 -32.15 -2.03
CA ILE E 1 -1.10 -31.48 -2.19
C ILE E 1 -1.34 -31.12 -3.66
N GLN E 2 -2.60 -31.19 -4.08
CA GLN E 2 -2.96 -30.84 -5.46
C GLN E 2 -3.79 -29.57 -5.51
N ARG E 3 -3.48 -28.70 -6.47
CA ARG E 3 -4.18 -27.43 -6.61
C ARG E 3 -4.81 -27.26 -7.98
N THR E 4 -6.00 -26.68 -8.00
CA THR E 4 -6.71 -26.43 -9.25
C THR E 4 -6.17 -25.19 -9.94
N PRO E 5 -5.88 -25.30 -11.25
CA PRO E 5 -5.35 -24.17 -12.02
C PRO E 5 -6.38 -23.09 -12.30
N LYS E 6 -5.96 -21.84 -12.17
CA LYS E 6 -6.75 -20.70 -12.61
C LYS E 6 -6.39 -20.44 -14.07
N ILE E 7 -7.37 -20.01 -14.85
CA ILE E 7 -7.18 -19.79 -16.28
C ILE E 7 -7.61 -18.39 -16.69
N GLN E 8 -6.77 -17.73 -17.49
CA GLN E 8 -7.15 -16.46 -18.08
C GLN E 8 -6.81 -16.42 -19.56
N VAL E 9 -7.84 -16.38 -20.40
CA VAL E 9 -7.62 -16.23 -21.84
C VAL E 9 -7.88 -14.77 -22.23
N TYR E 10 -6.85 -14.13 -22.78
CA TYR E 10 -6.90 -12.70 -23.07
C TYR E 10 -5.96 -12.32 -24.21
N SER E 11 -6.13 -11.11 -24.74
CA SER E 11 -5.27 -10.64 -25.82
C SER E 11 -4.18 -9.72 -25.28
N ARG E 12 -3.05 -9.67 -25.99
CA ARG E 12 -1.94 -8.82 -25.59
C ARG E 12 -2.32 -7.35 -25.63
N HIS E 13 -2.92 -6.94 -26.75
CA HIS E 13 -3.38 -5.56 -26.91
C HIS E 13 -4.90 -5.54 -27.00
N PRO E 14 -5.50 -4.37 -26.70
CA PRO E 14 -6.95 -4.21 -26.90
C PRO E 14 -7.33 -4.59 -28.33
N PRO E 15 -8.23 -5.56 -28.49
CA PRO E 15 -8.55 -6.17 -29.78
C PRO E 15 -9.29 -5.24 -30.75
N GLU E 16 -8.93 -5.35 -32.02
CA GLU E 16 -9.64 -4.66 -33.10
C GLU E 16 -9.82 -5.61 -34.27
N ASN E 17 -11.06 -5.77 -34.72
CA ASN E 17 -11.37 -6.70 -35.80
C ASN E 17 -10.51 -6.46 -37.04
N GLY E 18 -9.90 -7.53 -37.55
CA GLY E 18 -9.08 -7.46 -38.74
C GLY E 18 -7.71 -6.87 -38.47
N LYS E 19 -7.40 -6.69 -37.19
CA LYS E 19 -6.11 -6.11 -36.80
C LYS E 19 -5.30 -7.14 -36.00
N PRO E 20 -4.12 -7.51 -36.52
CA PRO E 20 -3.24 -8.53 -35.94
C PRO E 20 -3.04 -8.35 -34.44
N ASN E 21 -2.96 -9.46 -33.70
CA ASN E 21 -2.84 -9.43 -32.25
C ASN E 21 -2.29 -10.75 -31.74
N PHE E 22 -2.15 -10.86 -30.42
CA PHE E 22 -1.60 -12.06 -29.80
C PHE E 22 -2.56 -12.64 -28.75
N LEU E 23 -2.91 -13.91 -28.94
CA LEU E 23 -3.79 -14.61 -28.02
C LEU E 23 -2.99 -15.33 -26.94
N ASN E 24 -3.36 -15.08 -25.69
CA ASN E 24 -2.69 -15.65 -24.52
C ASN E 24 -3.65 -16.45 -23.64
N CYS E 25 -3.11 -17.53 -23.06
CA CYS E 25 -3.79 -18.28 -22.02
C CYS E 25 -2.82 -18.47 -20.86
N TYR E 26 -3.11 -17.79 -19.76
CA TYR E 26 -2.29 -17.85 -18.57
C TYR E 26 -2.92 -18.81 -17.56
N VAL E 27 -2.22 -19.91 -17.31
CA VAL E 27 -2.70 -20.93 -16.38
C VAL E 27 -1.80 -20.94 -15.16
N SER E 28 -2.35 -20.61 -14.00
CA SER E 28 -1.52 -20.42 -12.81
C SER E 28 -2.06 -21.14 -11.58
N GLY E 29 -1.24 -21.22 -10.55
CA GLY E 29 -1.66 -21.75 -9.26
C GLY E 29 -2.07 -23.21 -9.25
N PHE E 30 -1.42 -24.03 -10.07
CA PHE E 30 -1.73 -25.46 -10.11
C PHE E 30 -0.59 -26.33 -9.60
N HIS E 31 -0.89 -27.60 -9.33
CA HIS E 31 0.07 -28.55 -8.81
C HIS E 31 -0.54 -29.94 -8.82
N PRO E 32 0.20 -30.96 -9.31
CA PRO E 32 1.58 -30.87 -9.79
C PRO E 32 1.72 -30.14 -11.13
N SER E 33 2.92 -30.17 -11.69
CA SER E 33 3.23 -29.43 -12.91
C SER E 33 2.62 -30.04 -14.16
N ASP E 34 2.42 -31.35 -14.15
CA ASP E 34 1.83 -32.04 -15.30
C ASP E 34 0.48 -31.42 -15.67
N ILE E 35 0.39 -30.94 -16.90
CA ILE E 35 -0.81 -30.25 -17.35
C ILE E 35 -0.81 -30.14 -18.88
N GLU E 36 -2.00 -30.05 -19.47
CA GLU E 36 -2.10 -29.87 -20.91
C GLU E 36 -2.95 -28.66 -21.27
N VAL E 37 -2.41 -27.80 -22.11
CA VAL E 37 -3.12 -26.59 -22.51
C VAL E 37 -3.17 -26.47 -24.03
N ASP E 38 -4.34 -26.08 -24.54
CA ASP E 38 -4.51 -25.88 -25.98
C ASP E 38 -5.27 -24.59 -26.27
N LEU E 39 -4.92 -23.95 -27.37
CA LEU E 39 -5.68 -22.80 -27.84
C LEU E 39 -6.51 -23.22 -29.05
N LEU E 40 -7.82 -23.00 -28.97
CA LEU E 40 -8.74 -23.45 -29.99
C LEU E 40 -9.41 -22.29 -30.71
N LYS E 41 -9.52 -22.42 -32.03
CA LYS E 41 -10.28 -21.47 -32.83
C LYS E 41 -11.50 -22.19 -33.41
N ASN E 42 -12.68 -21.75 -33.00
CA ASN E 42 -13.92 -22.40 -33.40
C ASN E 42 -13.94 -23.87 -33.04
N GLY E 43 -13.37 -24.19 -31.88
CA GLY E 43 -13.41 -25.54 -31.34
C GLY E 43 -12.30 -26.47 -31.81
N GLU E 44 -11.44 -25.97 -32.69
CA GLU E 44 -10.34 -26.79 -33.20
C GLU E 44 -8.98 -26.19 -32.81
N LYS E 45 -8.05 -27.06 -32.46
CA LYS E 45 -6.70 -26.63 -32.06
C LYS E 45 -6.06 -25.77 -33.14
N MET E 46 -5.47 -24.66 -32.73
CA MET E 46 -4.83 -23.73 -33.66
C MET E 46 -3.51 -24.29 -34.19
N GLY E 47 -3.00 -23.66 -35.25
CA GLY E 47 -1.86 -24.20 -35.97
C GLY E 47 -0.52 -24.18 -35.25
N LYS E 48 -0.19 -23.06 -34.62
CA LYS E 48 1.13 -22.89 -34.02
C LYS E 48 1.05 -22.28 -32.62
N VAL E 49 1.00 -23.15 -31.62
CA VAL E 49 0.87 -22.71 -30.24
C VAL E 49 2.12 -23.06 -29.43
N GLU E 50 2.70 -22.05 -28.79
CA GLU E 50 3.90 -22.25 -27.97
C GLU E 50 3.65 -21.80 -26.54
N HIS E 51 4.53 -22.21 -25.63
CA HIS E 51 4.38 -21.82 -24.22
C HIS E 51 5.69 -21.38 -23.60
N SER E 52 5.59 -20.75 -22.44
CA SER E 52 6.76 -20.27 -21.71
C SER E 52 7.38 -21.40 -20.89
N ASP E 53 8.55 -21.13 -20.32
CA ASP E 53 9.24 -22.12 -19.50
C ASP E 53 8.60 -22.25 -18.13
N LEU E 54 8.39 -23.48 -17.69
CA LEU E 54 7.74 -23.77 -16.41
C LEU E 54 8.41 -23.06 -15.24
N SER E 55 7.60 -22.35 -14.45
CA SER E 55 8.09 -21.66 -13.26
C SER E 55 7.00 -21.65 -12.20
N PHE E 56 7.34 -21.21 -10.99
CA PHE E 56 6.39 -21.20 -9.89
C PHE E 56 6.43 -19.92 -9.07
N SER E 57 5.42 -19.73 -8.23
CA SER E 57 5.33 -18.52 -7.42
CA SER E 57 5.31 -18.53 -7.41
C SER E 57 5.73 -18.78 -5.96
N LYS E 58 5.41 -17.82 -5.09
CA LYS E 58 5.77 -17.90 -3.68
C LYS E 58 5.23 -19.16 -2.99
N ASP E 59 3.99 -19.51 -3.29
CA ASP E 59 3.34 -20.66 -2.67
C ASP E 59 3.65 -21.97 -3.39
N TRP E 60 4.67 -21.95 -4.23
CA TRP E 60 5.14 -23.14 -4.96
C TRP E 60 4.22 -23.56 -6.10
N SER E 61 3.12 -22.83 -6.28
CA SER E 61 2.19 -23.11 -7.36
C SER E 61 2.83 -22.76 -8.71
N PHE E 62 2.61 -23.61 -9.70
CA PHE E 62 3.20 -23.41 -11.02
C PHE E 62 2.36 -22.47 -11.88
N TYR E 63 3.01 -21.72 -12.75
CA TYR E 63 2.33 -20.87 -13.71
C TYR E 63 2.96 -21.02 -15.09
N LEU E 64 2.12 -20.91 -16.12
CA LEU E 64 2.53 -21.19 -17.48
C LEU E 64 1.73 -20.33 -18.44
N LEU E 65 2.39 -19.82 -19.48
CA LEU E 65 1.73 -19.02 -20.49
C LEU E 65 1.77 -19.69 -21.86
N TYR E 66 0.60 -19.98 -22.42
CA TYR E 66 0.52 -20.49 -23.79
C TYR E 66 0.08 -19.35 -24.70
N TYR E 67 0.66 -19.27 -25.89
CA TYR E 67 0.38 -18.12 -26.74
C TYR E 67 0.42 -18.45 -28.23
N THR E 68 -0.28 -17.64 -29.02
CA THR E 68 -0.23 -17.77 -30.47
C THR E 68 -0.62 -16.44 -31.11
N GLU E 69 -0.41 -16.31 -32.41
CA GLU E 69 -0.82 -15.10 -33.11
C GLU E 69 -2.25 -15.27 -33.61
N PHE E 70 -3.06 -14.23 -33.45
CA PHE E 70 -4.44 -14.29 -33.94
C PHE E 70 -4.96 -12.91 -34.38
N THR E 71 -5.89 -12.93 -35.32
CA THR E 71 -6.55 -11.70 -35.77
C THR E 71 -8.05 -11.81 -35.53
N PRO E 72 -8.54 -11.18 -34.45
CA PRO E 72 -9.93 -11.32 -34.00
C PRO E 72 -10.94 -10.73 -34.96
N ASN E 73 -12.16 -11.25 -34.92
CA ASN E 73 -13.28 -10.72 -35.68
C ASN E 73 -14.61 -11.07 -35.01
N GLU E 74 -15.71 -10.62 -35.60
CA GLU E 74 -17.03 -10.88 -35.04
C GLU E 74 -17.46 -12.32 -35.30
N LYS E 75 -16.82 -12.95 -36.27
CA LYS E 75 -17.24 -14.27 -36.74
C LYS E 75 -16.73 -15.42 -35.86
N ASP E 76 -15.43 -15.40 -35.56
CA ASP E 76 -14.77 -16.56 -34.95
C ASP E 76 -14.75 -16.55 -33.42
N GLU E 77 -14.74 -17.75 -32.85
CA GLU E 77 -14.59 -17.94 -31.40
C GLU E 77 -13.21 -18.46 -31.07
N TYR E 78 -12.62 -17.94 -29.99
CA TYR E 78 -11.34 -18.41 -29.50
C TYR E 78 -11.50 -18.89 -28.07
N ALA E 79 -10.81 -19.98 -27.72
CA ALA E 79 -10.94 -20.55 -26.39
C ALA E 79 -9.65 -21.21 -25.93
N CYS E 80 -9.57 -21.48 -24.62
CA CYS E 80 -8.43 -22.19 -24.06
C CYS E 80 -8.91 -23.43 -23.32
N ARG E 81 -8.36 -24.58 -23.68
CA ARG E 81 -8.75 -25.84 -23.06
C ARG E 81 -7.63 -26.39 -22.19
N VAL E 82 -7.97 -26.71 -20.94
CA VAL E 82 -6.98 -27.17 -19.98
C VAL E 82 -7.34 -28.51 -19.36
N ASN E 83 -6.40 -29.44 -19.39
CA ASN E 83 -6.53 -30.74 -18.72
C ASN E 83 -5.52 -30.86 -17.59
N HIS E 84 -6.01 -31.26 -16.43
CA HIS E 84 -5.18 -31.40 -15.23
C HIS E 84 -5.79 -32.45 -14.31
N VAL E 85 -4.94 -33.13 -13.54
CA VAL E 85 -5.38 -34.22 -12.67
C VAL E 85 -6.47 -33.79 -11.69
N THR E 86 -6.52 -32.49 -11.38
CA THR E 86 -7.51 -31.97 -10.45
C THR E 86 -8.83 -31.63 -11.12
N LEU E 87 -8.86 -31.72 -12.45
CA LEU E 87 -10.04 -31.36 -13.22
C LEU E 87 -10.83 -32.57 -13.71
N SER E 88 -12.13 -32.57 -13.43
CA SER E 88 -13.03 -33.61 -13.89
C SER E 88 -13.40 -33.37 -15.35
N GLY E 89 -12.54 -33.86 -16.25
CA GLY E 89 -12.69 -33.56 -17.67
C GLY E 89 -12.04 -32.24 -18.00
N PRO E 90 -11.85 -31.96 -19.30
CA PRO E 90 -11.17 -30.72 -19.71
C PRO E 90 -12.04 -29.49 -19.44
N ARG E 91 -11.40 -28.41 -19.01
CA ARG E 91 -12.11 -27.15 -18.79
C ARG E 91 -11.82 -26.20 -19.94
N THR E 92 -12.88 -25.63 -20.51
CA THR E 92 -12.72 -24.72 -21.64
C THR E 92 -13.19 -23.31 -21.30
N VAL E 93 -12.30 -22.35 -21.49
CA VAL E 93 -12.62 -20.94 -21.23
C VAL E 93 -12.61 -20.15 -22.53
N LYS E 94 -13.78 -19.67 -22.93
CA LYS E 94 -13.90 -18.86 -24.14
C LYS E 94 -13.27 -17.50 -23.93
N TRP E 95 -12.59 -17.00 -24.94
CA TRP E 95 -12.03 -15.66 -24.89
C TRP E 95 -13.14 -14.62 -24.93
N ASP E 96 -13.16 -13.76 -23.92
CA ASP E 96 -14.12 -12.66 -23.87
C ASP E 96 -13.37 -11.34 -23.98
N ARG E 97 -13.67 -10.57 -25.02
CA ARG E 97 -12.94 -9.33 -25.27
C ARG E 97 -13.26 -8.23 -24.26
N ASP E 98 -14.15 -8.53 -23.32
CA ASP E 98 -14.44 -7.61 -22.23
C ASP E 98 -13.61 -7.97 -21.01
N MET E 99 -12.86 -9.07 -21.11
CA MET E 99 -12.04 -9.55 -20.01
C MET E 99 -10.63 -9.86 -20.49
N ILE F 1 24.11 -15.48 -12.49
CA ILE F 1 24.95 -16.68 -12.42
C ILE F 1 24.45 -17.65 -11.35
N ARG F 2 24.43 -18.93 -11.69
CA ARG F 2 23.91 -19.96 -10.80
C ARG F 2 24.85 -20.22 -9.62
N TYR F 3 24.30 -20.85 -8.58
CA TYR F 3 25.11 -21.23 -7.43
C TYR F 3 25.88 -22.51 -7.75
N PRO F 4 27.22 -22.46 -7.64
CA PRO F 4 28.12 -23.56 -7.99
C PRO F 4 27.75 -24.86 -7.29
N LYS F 5 27.91 -24.89 -5.97
CA LYS F 5 27.60 -26.08 -5.18
C LYS F 5 26.10 -26.32 -5.14
N THR F 6 25.70 -27.53 -4.76
CA THR F 6 24.30 -27.87 -4.58
C THR F 6 24.15 -28.85 -3.43
N PHE F 7 23.24 -28.54 -2.50
CA PHE F 7 23.14 -29.27 -1.24
C PHE F 7 22.29 -30.54 -1.34
N GLY F 8 22.83 -31.65 -0.86
CA GLY F 8 22.08 -32.89 -0.80
C GLY F 8 21.24 -32.96 0.45
N TRP F 9 20.01 -33.44 0.31
CA TRP F 9 19.08 -33.54 1.44
C TRP F 9 19.51 -34.63 2.42
#